data_8XVI
#
_entry.id   8XVI
#
_cell.length_a   1.00
_cell.length_b   1.00
_cell.length_c   1.00
_cell.angle_alpha   90.00
_cell.angle_beta   90.00
_cell.angle_gamma   90.00
#
_symmetry.space_group_name_H-M   'P 1'
#
loop_
_entity.id
_entity.type
_entity.pdbx_description
1 polymer 'Isoform Gnas-2 of Guanine nucleotide-binding protein G(s) subunit alpha isoforms short'
2 polymer 'Guanine nucleotide-binding protein G(I)/G(S)/G(T) subunit beta-1'
3 polymer 'Guanine nucleotide-binding protein G(I)/G(S)/G(O) subunit gamma-2'
4 polymer 'Nanobody 35'
5 polymer 'Endoglucanase H,Endothelin-1 receptor'
6 polymer Endothelin-1
#
loop_
_entity_poly.entity_id
_entity_poly.type
_entity_poly.pdbx_seq_one_letter_code
_entity_poly.pdbx_strand_id
1 'polypeptide(L)'
;HHHHHHENLYFQGNSKTEDQRNEEKAQREANKKIEKQLQKDKQVYRATHRLLLLGADNSGKSTIVKQMRILHGGSGGSGG
TSGIFETKFQVDKVNFHMFDVGGQRDERRKWIQCFNDVTAIIFVVDSSDYNRLQEALNLFKSIWNNRWLRTISVILFLNK
QDLLAEKVLAGKSKIEDYFPEFARYTTPEDATPEPGEDPRVTRAKYFIRDEFLRISTASGDGRHYCYPHFTCAVDTENAR
RIFNDCKDIILQMNLREYNLV
;
A
2 'polypeptide(L)'
;IGRARGFSELDQLRQEAEQLKNQIRDARKACADATLSQITNNIDPVGRIQMRTRRTLRGHLAKIYAMHWGTDSRLLVSAS
QDGKLIIWDSYTTNKVHAIPLRSSWVMTCAYAPSGNYVACGGLDNICSIYNLKTREGNVRVSRELAGHTGYLSCCRFLDD
NQIVTSSGDTTCALWDIETGQQTTTFTGHTGDVMSLSLAPDTRLFVSGACDASAKLWDVREGMCRQTFTGHESDINAICF
FPNGNAFATGSDDATCRLFDLRADQELMTYSHDNIICGITSVSFSKSGRLLLAGYDDFNCNVWDALKADRAGVLAGHDNR
VSCLGVTDDGMAVATGSWDSFLKIWN
;
B
3 'polypeptide(L)' MASNNTASIAQARKLVEQLKMEANIDRIKVSKAAADLMAYCEAHAKEDPLLTPVPASENPFREKKFFCAIL G
4 'polypeptide(L)'
;MKYLLPTAAAGLLLLAAQPAMAMQVQLQESGGGLVQPGGSLRLSCAASGFTFSNYKMNWVRQAPGKGLEWVSDISQSGAS
ISYTGSVKGRFTISRDNAKNTLYLQMNSLKPEDTAVYYCARCPAPFTRDCFDVTSTTYAYRGQGTQVTVSSHHHHHH
;
N
5 'polypeptide(L)'
;MKTIIALSYIFCLVFADYKDDDDAGRAMASNYNSGLKIGAWVGTQPSESAIKSFQELQGRKLDIVHQFINWSTDFSWVRP
YADAVYNNGSILMITWEPWEYNTVDIKNGKADAYITRMAQDMKAYGKEIWLRPLHAANGDWYPWAIGYSSRVNTNETYIA
AFRHIVDIFRANGATNVKWVFNVNCDNVGNGTSYLGHYPGDNYVDYTSIDGYNWGTTQSWGSQWQSFDQVFSRAYQALAS
INKPIIIAEFASAEIGGNKARWITEAYNSIRTSYNKVIAAVWFHENKETDWRINSSPEALAAYREAIGATTHQPTNLVLP
SNGSMHNYCPQQTKITSAFKYINTVISCTIFIVGMVGNATLLRIIYQNKCMRNGPNALIASLALGDLIYVVIDLPINVFK
LLAGRWPFDHNDFGVFLCKLFPFLQKSSVGITVLNLCALSVDRYRAVASWSRVQGIGIPLVTAIEIVSIWILSFILAIPE
AIGFVMVPFEYRGEQHKTCMLNATSKFMEFYQDVKDWWLFGFYFCMPLVCTAIFYTLMTCEMLNRRNGSLRIALSEHLKQ
RREVAKTVFCLVVIFALCWFPLHLSRILKKTVYNEMDKNRCELLSFLLLMDYIGINLATMNSCINPIALYFVSKKFKNCF
QSCLCCCCYQSKSLMTSVPMNGTSILEVLFQGPHHHHHHHHHH
;
R
6 'polypeptide(L)' CSCSSLMDKECVYFCHLDIIW T
#
# COMPACT_ATOMS: atom_id res chain seq x y z
N THR A 17 46.04 17.17 1.94
CA THR A 17 44.59 17.11 2.01
C THR A 17 43.95 17.68 0.74
N GLU A 18 44.75 18.40 -0.04
CA GLU A 18 44.26 18.92 -1.32
C GLU A 18 43.90 17.78 -2.25
N ASP A 19 44.73 16.72 -2.28
CA ASP A 19 44.37 15.51 -3.01
C ASP A 19 43.08 14.93 -2.48
N GLN A 20 42.92 14.90 -1.16
CA GLN A 20 41.67 14.43 -0.57
C GLN A 20 40.50 15.32 -1.00
N ARG A 21 40.72 16.64 -1.04
CA ARG A 21 39.63 17.55 -1.41
C ARG A 21 39.18 17.32 -2.84
N ASN A 22 40.13 17.19 -3.78
CA ASN A 22 39.72 16.95 -5.15
C ASN A 22 39.16 15.55 -5.33
N GLU A 23 39.59 14.59 -4.50
CA GLU A 23 38.97 13.27 -4.53
C GLU A 23 37.51 13.34 -4.09
N GLU A 24 37.22 14.13 -3.05
CA GLU A 24 35.84 14.30 -2.63
C GLU A 24 35.02 14.99 -3.71
N LYS A 25 35.61 15.98 -4.38
CA LYS A 25 34.91 16.62 -5.50
C LYS A 25 34.61 15.62 -6.61
N ALA A 26 35.58 14.75 -6.92
CA ALA A 26 35.35 13.72 -7.93
C ALA A 26 34.27 12.74 -7.50
N GLN A 27 34.22 12.41 -6.21
CA GLN A 27 33.17 11.52 -5.72
C GLN A 27 31.79 12.15 -5.85
N ARG A 28 31.69 13.46 -5.56
CA ARG A 28 30.44 14.16 -5.79
C ARG A 28 30.08 14.17 -7.28
N GLU A 29 31.08 14.30 -8.15
CA GLU A 29 30.84 14.19 -9.59
C GLU A 29 30.29 12.81 -9.94
N ALA A 30 30.83 11.76 -9.33
CA ALA A 30 30.32 10.41 -9.57
C ALA A 30 28.87 10.28 -9.12
N ASN A 31 28.54 10.86 -7.96
CA ASN A 31 27.16 10.82 -7.49
C ASN A 31 26.22 11.52 -8.47
N LYS A 32 26.63 12.68 -8.99
CA LYS A 32 25.81 13.40 -9.96
C LYS A 32 25.63 12.57 -11.24
N LYS A 33 26.71 11.93 -11.69
CA LYS A 33 26.65 11.12 -12.89
C LYS A 33 25.67 9.96 -12.72
N ILE A 34 25.65 9.34 -11.54
CA ILE A 34 24.69 8.28 -11.28
C ILE A 34 23.26 8.84 -11.27
N GLU A 35 23.07 9.99 -10.62
CA GLU A 35 21.71 10.53 -10.49
C GLU A 35 21.10 10.87 -11.85
N LYS A 36 21.91 11.39 -12.77
CA LYS A 36 21.39 11.72 -14.10
C LYS A 36 20.80 10.50 -14.79
N GLN A 37 21.56 9.41 -14.83
CA GLN A 37 21.07 8.19 -15.47
C GLN A 37 19.87 7.63 -14.75
N LEU A 38 19.85 7.77 -13.42
CA LEU A 38 18.69 7.28 -12.67
C LEU A 38 17.42 8.03 -13.06
N GLN A 39 17.53 9.36 -13.23
CA GLN A 39 16.37 10.13 -13.68
C GLN A 39 15.94 9.72 -15.10
N LYS A 40 16.91 9.53 -15.99
CA LYS A 40 16.58 9.11 -17.35
C LYS A 40 15.87 7.77 -17.38
N ASP A 41 16.23 6.87 -16.46
CA ASP A 41 15.56 5.57 -16.41
C ASP A 41 14.19 5.67 -15.74
N LYS A 42 14.06 6.55 -14.75
CA LYS A 42 12.75 6.75 -14.12
C LYS A 42 11.74 7.29 -15.12
N GLN A 43 12.19 8.16 -16.02
CA GLN A 43 11.27 8.69 -17.03
C GLN A 43 10.64 7.59 -17.87
N VAL A 44 11.35 6.49 -18.09
CA VAL A 44 10.83 5.41 -18.94
C VAL A 44 10.12 4.33 -18.13
N TYR A 45 10.51 4.12 -16.88
CA TYR A 45 9.89 3.04 -16.09
C TYR A 45 8.40 3.28 -15.89
N ARG A 46 8.00 4.52 -15.59
CA ARG A 46 6.64 4.82 -15.20
C ARG A 46 5.67 4.93 -16.38
N ALA A 47 6.15 4.89 -17.62
CA ALA A 47 5.28 5.01 -18.79
C ALA A 47 4.99 3.66 -19.45
N THR A 48 5.29 2.55 -18.78
CA THR A 48 4.99 1.22 -19.29
C THR A 48 4.02 0.51 -18.36
N HIS A 49 3.19 -0.35 -18.94
CA HIS A 49 2.18 -1.09 -18.20
C HIS A 49 2.51 -2.57 -18.23
N ARG A 50 2.59 -3.19 -17.06
CA ARG A 50 2.96 -4.59 -16.92
C ARG A 50 1.78 -5.38 -16.37
N LEU A 51 1.52 -6.55 -16.95
CA LEU A 51 0.39 -7.38 -16.58
C LEU A 51 0.83 -8.82 -16.37
N LEU A 52 0.10 -9.52 -15.51
CA LEU A 52 0.22 -10.95 -15.33
C LEU A 52 -0.82 -11.67 -16.18
N LEU A 53 -0.53 -12.92 -16.55
CA LEU A 53 -1.31 -13.71 -17.50
C LEU A 53 -1.69 -15.05 -16.91
N LEU A 54 -2.29 -15.05 -15.72
CA LEU A 54 -2.52 -16.30 -15.04
C LEU A 54 -3.50 -17.19 -15.81
N GLY A 55 -3.27 -18.50 -15.75
CA GLY A 55 -4.15 -19.43 -16.45
C GLY A 55 -3.85 -20.86 -16.05
N ALA A 56 -4.57 -21.78 -16.67
CA ALA A 56 -4.41 -23.21 -16.44
C ALA A 56 -4.10 -23.92 -17.75
N ASP A 57 -3.90 -25.24 -17.66
CA ASP A 57 -3.47 -26.02 -18.82
C ASP A 57 -4.61 -26.17 -19.83
N ASN A 58 -5.80 -26.53 -19.34
CA ASN A 58 -6.92 -26.77 -20.26
C ASN A 58 -7.33 -25.50 -20.99
N SER A 59 -7.10 -24.35 -20.38
CA SER A 59 -7.38 -23.08 -21.04
C SER A 59 -6.38 -22.83 -22.17
N GLY A 60 -6.68 -21.82 -22.98
CA GLY A 60 -5.77 -21.43 -24.02
C GLY A 60 -5.16 -20.07 -23.77
N LYS A 61 -3.88 -20.04 -23.41
CA LYS A 61 -3.16 -18.78 -23.23
C LYS A 61 -2.29 -18.42 -24.42
N SER A 62 -1.78 -19.43 -25.14
CA SER A 62 -0.89 -19.16 -26.26
C SER A 62 -1.61 -18.45 -27.40
N THR A 63 -2.88 -18.77 -27.63
CA THR A 63 -3.62 -18.13 -28.73
C THR A 63 -3.70 -16.62 -28.52
N ILE A 64 -4.11 -16.20 -27.33
CA ILE A 64 -4.14 -14.77 -27.02
C ILE A 64 -2.75 -14.16 -27.14
N VAL A 65 -1.73 -14.91 -26.69
CA VAL A 65 -0.35 -14.42 -26.74
C VAL A 65 0.05 -14.12 -28.18
N LYS A 66 -0.25 -15.05 -29.09
CA LYS A 66 0.03 -14.81 -30.50
C LYS A 66 -0.79 -13.66 -31.03
N GLN A 67 -2.06 -13.57 -30.65
CA GLN A 67 -2.93 -12.52 -31.17
C GLN A 67 -2.41 -11.14 -30.80
N MET A 68 -1.94 -10.96 -29.57
CA MET A 68 -1.34 -9.68 -29.19
C MET A 68 0.15 -9.62 -29.48
N ARG A 69 0.73 -10.67 -30.06
CA ARG A 69 2.12 -10.66 -30.47
C ARG A 69 2.30 -10.48 -31.96
N ILE A 70 1.33 -10.90 -32.78
CA ILE A 70 1.41 -10.66 -34.22
C ILE A 70 1.34 -9.17 -34.52
N LEU A 71 0.76 -8.38 -33.62
CA LEU A 71 0.63 -6.95 -33.82
C LEU A 71 1.98 -6.25 -33.67
N GLY A 83 12.25 -19.66 -17.77
CA GLY A 83 11.40 -19.67 -16.59
C GLY A 83 10.25 -18.68 -16.69
N ILE A 84 10.57 -17.46 -17.10
CA ILE A 84 9.60 -16.38 -17.26
C ILE A 84 9.64 -15.92 -18.71
N PHE A 85 8.47 -15.90 -19.36
CA PHE A 85 8.40 -15.46 -20.75
C PHE A 85 7.59 -14.18 -20.84
N GLU A 86 7.98 -13.34 -21.80
CA GLU A 86 7.46 -11.98 -21.89
C GLU A 86 6.97 -11.68 -23.29
N THR A 87 5.90 -10.90 -23.37
CA THR A 87 5.37 -10.37 -24.62
C THR A 87 5.24 -8.87 -24.49
N LYS A 88 5.85 -8.13 -25.42
CA LYS A 88 5.79 -6.68 -25.43
C LYS A 88 5.07 -6.23 -26.69
N PHE A 89 3.99 -5.46 -26.52
CA PHE A 89 3.25 -4.95 -27.68
C PHE A 89 2.93 -3.47 -27.46
N GLN A 90 2.20 -2.90 -28.41
CA GLN A 90 1.96 -1.46 -28.42
C GLN A 90 0.72 -1.15 -29.23
N VAL A 91 -0.18 -0.36 -28.65
CA VAL A 91 -1.39 0.07 -29.33
C VAL A 91 -1.57 1.57 -29.14
N ASP A 92 -1.79 2.28 -30.24
CA ASP A 92 -2.08 3.72 -30.25
C ASP A 92 -1.04 4.50 -29.44
N LYS A 93 0.23 4.18 -29.68
CA LYS A 93 1.35 4.84 -29.03
C LYS A 93 1.30 4.69 -27.51
N VAL A 94 0.84 3.53 -27.05
CA VAL A 94 0.91 3.14 -25.64
C VAL A 94 1.56 1.76 -25.58
N ASN A 95 2.52 1.61 -24.68
CA ASN A 95 3.38 0.42 -24.61
C ASN A 95 2.90 -0.53 -23.52
N PHE A 96 2.95 -1.82 -23.81
CA PHE A 96 2.45 -2.85 -22.90
C PHE A 96 3.48 -3.96 -22.76
N HIS A 97 3.71 -4.38 -21.52
CA HIS A 97 4.58 -5.50 -21.17
C HIS A 97 3.73 -6.56 -20.49
N MET A 98 3.97 -7.83 -20.82
CA MET A 98 3.13 -8.91 -20.32
C MET A 98 3.98 -10.10 -19.93
N PHE A 99 3.70 -10.66 -18.76
CA PHE A 99 4.50 -11.70 -18.14
C PHE A 99 3.70 -12.98 -17.99
N ASP A 100 4.32 -14.13 -18.30
CA ASP A 100 3.78 -15.42 -17.89
C ASP A 100 4.89 -16.25 -17.26
N VAL A 101 4.50 -17.06 -16.28
CA VAL A 101 5.43 -17.80 -15.44
C VAL A 101 5.13 -19.29 -15.63
N GLY A 102 6.06 -20.01 -16.23
CA GLY A 102 5.88 -21.43 -16.47
C GLY A 102 7.01 -22.28 -15.92
N GLY A 103 8.15 -21.64 -15.64
CA GLY A 103 9.30 -22.38 -15.15
C GLY A 103 9.26 -22.72 -13.69
N GLN A 104 8.26 -22.25 -12.96
CA GLN A 104 8.20 -22.48 -11.53
C GLN A 104 7.59 -23.85 -11.22
N ARG A 105 7.48 -24.16 -9.93
CA ARG A 105 6.88 -25.38 -9.46
C ARG A 105 5.39 -25.17 -9.26
N ASP A 106 4.73 -26.15 -8.61
CA ASP A 106 3.28 -26.08 -8.46
C ASP A 106 2.88 -24.91 -7.57
N GLU A 107 3.48 -24.80 -6.39
CA GLU A 107 3.07 -23.78 -5.43
C GLU A 107 3.52 -22.39 -5.87
N ARG A 108 2.69 -21.39 -5.60
CA ARG A 108 2.99 -20.02 -6.03
C ARG A 108 2.61 -19.00 -4.96
N ARG A 109 2.59 -19.41 -3.70
CA ARG A 109 2.19 -18.49 -2.65
C ARG A 109 3.26 -17.46 -2.30
N LYS A 110 4.49 -17.65 -2.77
CA LYS A 110 5.61 -16.79 -2.41
C LYS A 110 6.05 -15.86 -3.53
N TRP A 111 6.14 -16.34 -4.77
CA TRP A 111 6.50 -15.44 -5.85
C TRP A 111 5.32 -14.65 -6.37
N ILE A 112 4.13 -14.86 -5.83
CA ILE A 112 2.96 -14.06 -6.21
C ILE A 112 3.06 -12.64 -5.69
N GLN A 113 3.84 -12.42 -4.63
CA GLN A 113 3.92 -11.09 -4.03
C GLN A 113 4.90 -10.19 -4.75
N CYS A 114 5.64 -10.68 -5.74
CA CYS A 114 6.45 -9.81 -6.56
C CYS A 114 5.61 -8.91 -7.45
N PHE A 115 4.31 -9.18 -7.56
CA PHE A 115 3.39 -8.39 -8.38
C PHE A 115 2.41 -7.67 -7.46
N ASN A 116 2.75 -6.44 -7.09
CA ASN A 116 1.81 -5.57 -6.39
C ASN A 116 1.73 -4.18 -7.00
N ASP A 117 2.59 -3.83 -7.95
CA ASP A 117 2.46 -2.62 -8.73
C ASP A 117 1.97 -2.90 -10.14
N VAL A 118 1.55 -4.14 -10.42
CA VAL A 118 1.01 -4.48 -11.73
C VAL A 118 -0.30 -3.73 -11.93
N THR A 119 -0.49 -3.18 -13.14
CA THR A 119 -1.65 -2.35 -13.40
C THR A 119 -2.95 -3.14 -13.36
N ALA A 120 -2.94 -4.38 -13.87
CA ALA A 120 -4.12 -5.23 -13.86
C ALA A 120 -3.72 -6.64 -14.26
N ILE A 121 -4.33 -7.63 -13.62
CA ILE A 121 -4.08 -9.03 -13.94
C ILE A 121 -5.02 -9.46 -15.06
N ILE A 122 -4.63 -10.52 -15.76
CA ILE A 122 -5.47 -11.15 -16.78
C ILE A 122 -5.70 -12.60 -16.40
N PHE A 123 -6.94 -13.02 -16.47
CA PHE A 123 -7.38 -14.35 -16.07
C PHE A 123 -8.10 -15.00 -17.24
N VAL A 124 -7.82 -16.28 -17.47
CA VAL A 124 -8.35 -17.01 -18.61
C VAL A 124 -8.99 -18.30 -18.11
N VAL A 125 -10.22 -18.57 -18.54
CA VAL A 125 -10.96 -19.76 -18.12
C VAL A 125 -11.63 -20.38 -19.32
N ASP A 126 -11.55 -21.72 -19.41
CA ASP A 126 -12.18 -22.45 -20.50
C ASP A 126 -13.66 -22.64 -20.19
N SER A 127 -14.51 -22.21 -21.12
CA SER A 127 -15.94 -22.16 -20.86
C SER A 127 -16.63 -23.50 -21.06
N SER A 128 -15.95 -24.50 -21.61
CA SER A 128 -16.58 -25.74 -21.99
C SER A 128 -16.32 -26.88 -21.03
N ASP A 129 -15.06 -27.12 -20.66
CA ASP A 129 -14.70 -28.29 -19.87
C ASP A 129 -15.24 -28.07 -18.47
N TYR A 130 -16.36 -28.71 -18.17
CA TYR A 130 -17.14 -28.40 -16.97
C TYR A 130 -16.62 -29.11 -15.74
N ASN A 131 -15.84 -30.17 -15.89
CA ASN A 131 -15.29 -30.85 -14.73
C ASN A 131 -14.36 -29.93 -13.95
N ARG A 132 -13.37 -29.36 -14.64
CA ARG A 132 -12.42 -28.45 -14.00
C ARG A 132 -12.83 -26.99 -14.21
N LEU A 133 -14.04 -26.68 -13.77
CA LEU A 133 -14.50 -25.30 -13.69
C LEU A 133 -14.41 -24.76 -12.28
N GLN A 134 -14.96 -25.48 -11.30
CA GLN A 134 -14.88 -25.07 -9.91
C GLN A 134 -13.46 -24.70 -9.50
N GLU A 135 -12.49 -25.54 -9.87
CA GLU A 135 -11.09 -25.25 -9.52
C GLU A 135 -10.72 -23.84 -9.95
N ALA A 136 -11.00 -23.49 -11.21
CA ALA A 136 -10.67 -22.15 -11.69
C ALA A 136 -11.29 -21.10 -10.79
N LEU A 137 -12.58 -21.25 -10.48
CA LEU A 137 -13.24 -20.29 -9.60
C LEU A 137 -12.45 -20.08 -8.32
N ASN A 138 -11.99 -21.18 -7.71
CA ASN A 138 -11.28 -21.06 -6.45
C ASN A 138 -10.07 -20.15 -6.60
N LEU A 139 -9.29 -20.36 -7.66
CA LEU A 139 -8.12 -19.52 -7.88
C LEU A 139 -8.51 -18.05 -7.91
N PHE A 140 -9.60 -17.73 -8.62
CA PHE A 140 -10.03 -16.35 -8.74
C PHE A 140 -10.25 -15.73 -7.36
N LYS A 141 -10.87 -16.49 -6.46
CA LYS A 141 -11.13 -15.96 -5.13
C LYS A 141 -9.83 -15.57 -4.44
N SER A 142 -8.81 -16.42 -4.55
CA SER A 142 -7.54 -16.13 -3.90
C SER A 142 -6.88 -14.89 -4.50
N ILE A 143 -7.16 -14.62 -5.77
CA ILE A 143 -6.64 -13.40 -6.38
C ILE A 143 -7.36 -12.18 -5.83
N TRP A 144 -8.65 -12.31 -5.56
CA TRP A 144 -9.48 -11.17 -5.23
C TRP A 144 -9.51 -10.85 -3.74
N ASN A 145 -8.94 -11.70 -2.90
CA ASN A 145 -9.01 -11.55 -1.45
C ASN A 145 -7.64 -11.86 -0.86
N ASN A 146 -6.82 -10.84 -0.67
CA ASN A 146 -5.45 -11.01 -0.21
C ASN A 146 -5.00 -9.70 0.44
N ARG A 147 -3.69 -9.59 0.67
CA ARG A 147 -3.10 -8.39 1.25
C ARG A 147 -2.35 -7.56 0.20
N TRP A 148 -1.56 -8.21 -0.64
CA TRP A 148 -0.80 -7.53 -1.68
C TRP A 148 -1.49 -7.59 -3.02
N LEU A 149 -2.72 -8.10 -3.07
CA LEU A 149 -3.46 -8.26 -4.32
C LEU A 149 -4.87 -7.69 -4.22
N ARG A 150 -5.14 -6.87 -3.21
CA ARG A 150 -6.46 -6.32 -2.98
C ARG A 150 -6.64 -4.94 -3.59
N THR A 151 -5.68 -4.48 -4.39
CA THR A 151 -5.76 -3.19 -5.05
C THR A 151 -5.47 -3.30 -6.54
N ILE A 152 -5.71 -4.47 -7.13
CA ILE A 152 -5.44 -4.71 -8.53
C ILE A 152 -6.72 -5.19 -9.20
N SER A 153 -7.00 -4.65 -10.38
CA SER A 153 -8.17 -5.05 -11.17
C SER A 153 -7.85 -6.30 -11.98
N VAL A 154 -8.92 -6.97 -12.42
CA VAL A 154 -8.84 -8.25 -13.12
C VAL A 154 -9.61 -8.15 -14.42
N ILE A 155 -9.00 -8.56 -15.53
CA ILE A 155 -9.67 -8.69 -16.82
C ILE A 155 -9.87 -10.17 -17.10
N LEU A 156 -11.11 -10.56 -17.35
CA LEU A 156 -11.53 -11.95 -17.39
C LEU A 156 -11.84 -12.36 -18.83
N PHE A 157 -11.34 -13.51 -19.24
CA PHE A 157 -11.56 -14.02 -20.59
C PHE A 157 -12.11 -15.44 -20.50
N LEU A 158 -13.36 -15.61 -20.88
CA LEU A 158 -13.97 -16.93 -21.03
C LEU A 158 -13.76 -17.38 -22.46
N ASN A 159 -12.82 -18.30 -22.66
CA ASN A 159 -12.40 -18.70 -24.00
C ASN A 159 -13.23 -19.91 -24.48
N LYS A 160 -13.00 -20.27 -25.74
CA LYS A 160 -13.58 -21.46 -26.37
C LYS A 160 -15.11 -21.42 -26.40
N GLN A 161 -15.63 -20.41 -27.09
CA GLN A 161 -17.09 -20.25 -27.18
C GLN A 161 -17.70 -21.23 -28.17
N ASP A 162 -17.00 -21.53 -29.26
CA ASP A 162 -17.55 -22.42 -30.27
C ASP A 162 -17.75 -23.83 -29.72
N LEU A 163 -16.76 -24.33 -28.96
CA LEU A 163 -16.91 -25.62 -28.32
C LEU A 163 -18.08 -25.60 -27.34
N LEU A 164 -18.25 -24.49 -26.62
CA LEU A 164 -19.38 -24.35 -25.72
C LEU A 164 -20.70 -24.51 -26.45
N ALA A 165 -20.88 -23.75 -27.54
CA ALA A 165 -22.13 -23.80 -28.28
C ALA A 165 -22.38 -25.19 -28.86
N GLU A 166 -21.35 -25.78 -29.46
CA GLU A 166 -21.51 -27.10 -30.06
C GLU A 166 -21.86 -28.14 -29.01
N LYS A 167 -21.16 -28.11 -27.87
CA LYS A 167 -21.37 -29.12 -26.84
C LYS A 167 -22.75 -28.99 -26.20
N VAL A 168 -23.20 -27.76 -25.93
CA VAL A 168 -24.51 -27.59 -25.32
C VAL A 168 -25.62 -27.94 -26.30
N LEU A 169 -25.48 -27.50 -27.56
CA LEU A 169 -26.51 -27.77 -28.56
C LEU A 169 -26.65 -29.26 -28.84
N ALA A 170 -25.53 -29.98 -28.88
CA ALA A 170 -25.55 -31.41 -29.15
C ALA A 170 -26.21 -32.20 -28.04
N GLY A 171 -26.48 -31.60 -26.89
CA GLY A 171 -27.12 -32.31 -25.81
C GLY A 171 -26.15 -33.17 -25.04
N LYS A 172 -26.68 -34.25 -24.46
CA LYS A 172 -25.94 -35.28 -23.72
C LYS A 172 -24.91 -34.69 -22.75
N SER A 173 -25.22 -33.52 -22.18
CA SER A 173 -24.36 -32.95 -21.13
C SER A 173 -25.23 -32.00 -20.30
N LYS A 174 -25.67 -32.46 -19.13
CA LYS A 174 -26.47 -31.63 -18.24
C LYS A 174 -25.57 -30.69 -17.45
N ILE A 175 -25.91 -29.40 -17.47
CA ILE A 175 -25.21 -28.45 -16.61
C ILE A 175 -25.57 -28.71 -15.15
N GLU A 176 -26.82 -29.09 -14.89
CA GLU A 176 -27.28 -29.31 -13.51
C GLU A 176 -26.54 -30.47 -12.84
N ASP A 177 -25.86 -31.31 -13.62
CA ASP A 177 -25.08 -32.39 -13.02
C ASP A 177 -23.95 -31.85 -12.17
N TYR A 178 -23.30 -30.78 -12.62
CA TYR A 178 -22.21 -30.16 -11.88
C TYR A 178 -22.62 -28.89 -11.15
N PHE A 179 -23.65 -28.19 -11.63
CA PHE A 179 -24.15 -26.97 -10.99
C PHE A 179 -25.67 -27.09 -10.84
N PRO A 180 -26.14 -27.58 -9.70
CA PRO A 180 -27.59 -27.85 -9.57
C PRO A 180 -28.46 -26.61 -9.61
N GLU A 181 -27.89 -25.42 -9.55
CA GLU A 181 -28.68 -24.19 -9.49
C GLU A 181 -28.80 -23.49 -10.85
N PHE A 182 -28.77 -24.30 -11.91
CA PHE A 182 -28.89 -23.79 -13.28
C PHE A 182 -30.27 -23.97 -13.88
N ALA A 183 -31.02 -24.99 -13.45
CA ALA A 183 -32.33 -25.24 -14.04
C ALA A 183 -33.29 -24.08 -13.81
N ARG A 184 -33.28 -23.52 -12.60
CA ARG A 184 -34.16 -22.41 -12.25
C ARG A 184 -33.58 -21.07 -12.62
N TYR A 185 -32.45 -21.03 -13.32
CA TYR A 185 -31.85 -19.76 -13.72
C TYR A 185 -32.75 -19.03 -14.70
N THR A 186 -32.83 -17.72 -14.54
CA THR A 186 -33.60 -16.87 -15.43
C THR A 186 -32.69 -16.28 -16.50
N THR A 187 -33.21 -16.18 -17.72
CA THR A 187 -32.44 -15.57 -18.79
C THR A 187 -32.20 -14.09 -18.46
N PRO A 188 -31.11 -13.51 -18.96
CA PRO A 188 -30.81 -12.12 -18.62
C PRO A 188 -31.90 -11.17 -19.09
N GLU A 189 -32.15 -10.14 -18.28
CA GLU A 189 -33.07 -9.09 -18.69
C GLU A 189 -32.54 -8.36 -19.91
N ASP A 190 -31.24 -8.09 -19.94
CA ASP A 190 -30.60 -7.48 -21.09
C ASP A 190 -29.39 -8.31 -21.51
N ALA A 191 -29.03 -8.21 -22.78
CA ALA A 191 -27.92 -8.94 -23.36
C ALA A 191 -27.66 -8.38 -24.75
N THR A 192 -26.63 -8.90 -25.41
CA THR A 192 -26.29 -8.53 -26.79
C THR A 192 -26.12 -9.80 -27.61
N PRO A 193 -27.21 -10.53 -27.86
CA PRO A 193 -27.09 -11.79 -28.60
C PRO A 193 -27.03 -11.55 -30.10
N GLU A 194 -26.10 -12.25 -30.76
CA GLU A 194 -26.01 -12.21 -32.20
C GLU A 194 -27.23 -12.90 -32.82
N PRO A 195 -27.62 -12.52 -34.04
CA PRO A 195 -28.81 -13.13 -34.64
C PRO A 195 -28.69 -14.63 -34.85
N GLY A 196 -27.48 -15.17 -34.94
CA GLY A 196 -27.29 -16.60 -35.10
C GLY A 196 -27.15 -17.33 -33.77
N GLU A 197 -28.05 -17.06 -32.83
CA GLU A 197 -28.01 -17.66 -31.51
C GLU A 197 -29.39 -18.18 -31.13
N ASP A 198 -29.39 -19.17 -30.24
CA ASP A 198 -30.58 -19.78 -29.69
C ASP A 198 -30.61 -19.56 -28.18
N PRO A 199 -31.78 -19.70 -27.55
CA PRO A 199 -31.86 -19.38 -26.11
C PRO A 199 -30.92 -20.20 -25.23
N ARG A 200 -30.64 -21.45 -25.60
CA ARG A 200 -29.84 -22.31 -24.72
C ARG A 200 -28.41 -21.81 -24.59
N VAL A 201 -27.78 -21.44 -25.72
CA VAL A 201 -26.38 -21.03 -25.67
C VAL A 201 -26.24 -19.73 -24.89
N THR A 202 -27.15 -18.77 -25.11
CA THR A 202 -27.10 -17.53 -24.35
C THR A 202 -27.33 -17.77 -22.87
N ARG A 203 -28.31 -18.63 -22.55
CA ARG A 203 -28.58 -18.99 -21.16
C ARG A 203 -27.32 -19.51 -20.48
N ALA A 204 -26.64 -20.47 -21.12
CA ALA A 204 -25.46 -21.07 -20.51
C ALA A 204 -24.32 -20.07 -20.39
N LYS A 205 -24.02 -19.35 -21.47
CA LYS A 205 -22.88 -18.45 -21.48
C LYS A 205 -23.11 -17.21 -20.62
N TYR A 206 -24.35 -16.96 -20.19
CA TYR A 206 -24.55 -15.91 -19.20
C TYR A 206 -24.62 -16.45 -17.79
N PHE A 207 -25.09 -17.68 -17.59
CA PHE A 207 -25.00 -18.29 -16.27
C PHE A 207 -23.56 -18.38 -15.81
N ILE A 208 -22.65 -18.79 -16.70
CA ILE A 208 -21.24 -18.91 -16.31
C ILE A 208 -20.65 -17.55 -15.95
N ARG A 209 -20.95 -16.53 -16.74
CA ARG A 209 -20.39 -15.21 -16.50
C ARG A 209 -20.89 -14.62 -15.18
N ASP A 210 -22.19 -14.73 -14.92
CA ASP A 210 -22.68 -14.28 -13.60
C ASP A 210 -22.11 -15.13 -12.47
N GLU A 211 -21.84 -16.41 -12.72
CA GLU A 211 -21.20 -17.22 -11.68
C GLU A 211 -19.84 -16.67 -11.31
N PHE A 212 -19.07 -16.24 -12.31
CA PHE A 212 -17.79 -15.60 -12.00
C PHE A 212 -17.98 -14.23 -11.37
N LEU A 213 -19.01 -13.49 -11.79
CA LEU A 213 -19.19 -12.11 -11.34
C LEU A 213 -19.69 -12.02 -9.89
N ARG A 214 -20.36 -13.06 -9.39
CA ARG A 214 -20.94 -12.99 -8.06
C ARG A 214 -19.88 -12.81 -6.97
N ILE A 215 -18.71 -13.43 -7.15
CA ILE A 215 -17.65 -13.30 -6.15
C ILE A 215 -17.13 -11.87 -6.10
N SER A 216 -17.01 -11.23 -7.26
CA SER A 216 -16.40 -9.91 -7.34
C SER A 216 -17.25 -8.81 -6.71
N THR A 217 -18.53 -9.07 -6.43
CA THR A 217 -19.39 -8.06 -5.84
C THR A 217 -19.72 -8.29 -4.38
N ALA A 218 -19.47 -9.49 -3.85
CA ALA A 218 -19.75 -9.74 -2.43
C ALA A 218 -18.80 -8.95 -1.54
N SER A 219 -17.50 -9.04 -1.81
CA SER A 219 -16.49 -8.29 -1.07
C SER A 219 -15.91 -7.19 -1.95
N GLY A 220 -15.02 -6.40 -1.37
CA GLY A 220 -14.40 -5.31 -2.09
C GLY A 220 -15.09 -3.99 -1.84
N ASP A 221 -14.38 -3.05 -1.21
CA ASP A 221 -14.96 -1.76 -0.86
C ASP A 221 -14.66 -0.72 -1.93
N GLY A 222 -15.09 -1.02 -3.15
CA GLY A 222 -14.97 -0.07 -4.25
C GLY A 222 -13.55 0.39 -4.55
N ARG A 223 -12.61 -0.54 -4.59
CA ARG A 223 -11.23 -0.23 -4.93
C ARG A 223 -10.76 -0.88 -6.23
N HIS A 224 -11.35 -2.01 -6.61
CA HIS A 224 -10.99 -2.70 -7.83
C HIS A 224 -12.23 -3.40 -8.38
N TYR A 225 -12.28 -3.56 -9.70
CA TYR A 225 -13.45 -4.09 -10.39
C TYR A 225 -13.05 -5.25 -11.29
N CYS A 226 -14.04 -5.81 -11.97
CA CYS A 226 -13.86 -6.90 -12.92
C CYS A 226 -14.55 -6.56 -14.23
N TYR A 227 -13.91 -6.91 -15.34
CA TYR A 227 -14.38 -6.53 -16.68
C TYR A 227 -14.37 -7.76 -17.58
N PRO A 228 -15.50 -8.46 -17.68
CA PRO A 228 -15.53 -9.69 -18.47
C PRO A 228 -15.75 -9.44 -19.96
N HIS A 229 -15.32 -10.43 -20.74
CA HIS A 229 -15.58 -10.46 -22.18
C HIS A 229 -15.77 -11.90 -22.59
N PHE A 230 -16.30 -12.10 -23.79
CA PHE A 230 -16.38 -13.41 -24.42
C PHE A 230 -15.44 -13.44 -25.61
N THR A 231 -14.68 -14.52 -25.74
CA THR A 231 -13.72 -14.65 -26.83
C THR A 231 -13.71 -16.08 -27.36
N CYS A 232 -13.26 -16.21 -28.61
CA CYS A 232 -13.11 -17.51 -29.25
C CYS A 232 -11.73 -17.59 -29.88
N ALA A 233 -11.40 -18.77 -30.39
CA ALA A 233 -10.07 -18.99 -30.97
C ALA A 233 -9.85 -18.09 -32.19
N VAL A 234 -10.87 -17.94 -33.03
CA VAL A 234 -10.76 -17.11 -34.22
C VAL A 234 -11.20 -15.70 -33.82
N ASP A 235 -10.24 -14.94 -33.27
CA ASP A 235 -10.51 -13.58 -32.84
C ASP A 235 -9.23 -12.77 -33.00
N THR A 236 -9.39 -11.47 -33.27
CA THR A 236 -8.24 -10.60 -33.46
C THR A 236 -8.33 -9.27 -32.72
N GLU A 237 -9.52 -8.81 -32.35
CA GLU A 237 -9.65 -7.53 -31.65
C GLU A 237 -9.61 -7.73 -30.14
N ASN A 238 -8.59 -8.43 -29.66
CA ASN A 238 -8.43 -8.65 -28.24
C ASN A 238 -7.40 -7.73 -27.60
N ALA A 239 -6.91 -6.76 -28.36
CA ALA A 239 -5.98 -5.76 -27.85
C ALA A 239 -6.63 -4.42 -27.54
N ARG A 240 -7.71 -4.08 -28.25
CA ARG A 240 -8.41 -2.83 -27.96
C ARG A 240 -9.17 -2.91 -26.63
N ARG A 241 -9.70 -4.09 -26.31
CA ARG A 241 -10.33 -4.29 -25.01
C ARG A 241 -9.36 -3.98 -23.89
N ILE A 242 -8.09 -4.33 -24.07
CA ILE A 242 -7.07 -4.04 -23.07
C ILE A 242 -6.91 -2.53 -22.91
N PHE A 243 -6.85 -1.80 -24.02
CA PHE A 243 -6.76 -0.35 -23.96
C PHE A 243 -7.92 0.25 -23.16
N ASN A 244 -9.15 -0.15 -23.49
CA ASN A 244 -10.30 0.42 -22.80
C ASN A 244 -10.29 0.06 -21.32
N ASP A 245 -9.98 -1.18 -21.00
CA ASP A 245 -9.94 -1.61 -19.60
C ASP A 245 -8.91 -0.82 -18.82
N CYS A 246 -7.70 -0.69 -19.36
CA CYS A 246 -6.64 0.01 -18.65
C CYS A 246 -6.99 1.48 -18.45
N LYS A 247 -7.59 2.11 -19.47
CA LYS A 247 -7.99 3.50 -19.31
C LYS A 247 -9.02 3.64 -18.20
N ASP A 248 -10.00 2.74 -18.15
CA ASP A 248 -10.99 2.81 -17.08
C ASP A 248 -10.32 2.66 -15.72
N ILE A 249 -9.39 1.71 -15.60
CA ILE A 249 -8.70 1.46 -14.34
C ILE A 249 -7.95 2.71 -13.88
N ILE A 250 -7.17 3.30 -14.78
CA ILE A 250 -6.35 4.45 -14.42
C ILE A 250 -7.24 5.64 -14.05
N LEU A 251 -8.31 5.87 -14.82
CA LEU A 251 -9.20 6.98 -14.51
C LEU A 251 -9.85 6.82 -13.14
N GLN A 252 -10.31 5.60 -12.83
CA GLN A 252 -10.90 5.35 -11.52
C GLN A 252 -9.89 5.56 -10.41
N MET A 253 -8.65 5.13 -10.61
CA MET A 253 -7.64 5.29 -9.58
C MET A 253 -7.24 6.76 -9.40
N ASN A 254 -7.30 7.55 -10.48
CA ASN A 254 -6.96 8.96 -10.39
C ASN A 254 -8.05 9.75 -9.68
N LEU A 255 -9.31 9.44 -9.97
CA LEU A 255 -10.41 10.21 -9.38
C LEU A 255 -10.58 9.94 -7.90
N ARG A 256 -9.92 8.93 -7.35
CA ARG A 256 -10.01 8.66 -5.92
C ARG A 256 -8.99 9.45 -5.11
N GLU A 257 -8.01 10.08 -5.75
CA GLU A 257 -6.99 10.86 -5.05
C GLU A 257 -7.40 12.32 -4.94
N TYR A 258 -7.64 12.99 -6.07
CA TYR A 258 -8.42 14.21 -6.02
C TYR A 258 -9.81 13.85 -5.54
N ASN A 259 -10.22 14.43 -4.42
CA ASN A 259 -11.42 13.94 -3.75
C ASN A 259 -12.65 14.35 -4.55
N LEU A 260 -13.01 13.52 -5.53
CA LEU A 260 -14.03 13.83 -6.51
C LEU A 260 -14.88 12.60 -6.81
N VAL A 261 -15.27 11.88 -5.77
CA VAL A 261 -16.00 10.62 -5.90
C VAL A 261 -15.20 9.61 -6.71
N GLU B 9 5.18 -52.85 3.83
CA GLU B 9 6.50 -52.34 4.21
C GLU B 9 6.41 -50.91 4.73
N LEU B 10 5.53 -50.13 4.11
CA LEU B 10 5.36 -48.73 4.52
C LEU B 10 4.79 -48.62 5.93
N ASP B 11 3.89 -49.53 6.31
CA ASP B 11 3.33 -49.51 7.65
C ASP B 11 4.40 -49.73 8.71
N GLN B 12 5.30 -50.69 8.48
CA GLN B 12 6.39 -50.93 9.41
C GLN B 12 7.32 -49.73 9.49
N LEU B 13 7.60 -49.09 8.35
CA LEU B 13 8.45 -47.91 8.35
C LEU B 13 7.79 -46.78 9.15
N ARG B 14 6.49 -46.58 8.99
CA ARG B 14 5.80 -45.55 9.77
C ARG B 14 5.81 -45.89 11.25
N GLN B 15 5.64 -47.17 11.60
CA GLN B 15 5.66 -47.57 13.00
C GLN B 15 7.01 -47.31 13.64
N GLU B 16 8.10 -47.67 12.94
CA GLU B 16 9.42 -47.43 13.51
C GLU B 16 9.77 -45.94 13.51
N ALA B 17 9.23 -45.18 12.55
CA ALA B 17 9.40 -43.73 12.60
C ALA B 17 8.71 -43.13 13.81
N GLU B 18 7.50 -43.62 14.13
CA GLU B 18 6.81 -43.17 15.33
C GLU B 18 7.58 -43.55 16.59
N GLN B 19 8.15 -44.76 16.60
CA GLN B 19 8.98 -45.16 17.73
C GLN B 19 10.20 -44.25 17.88
N LEU B 20 10.84 -43.91 16.77
CA LEU B 20 11.97 -42.98 16.81
C LEU B 20 11.53 -41.60 17.30
N LYS B 21 10.34 -41.16 16.89
CA LYS B 21 9.83 -39.88 17.37
C LYS B 21 9.60 -39.91 18.88
N ASN B 22 9.05 -41.02 19.40
CA ASN B 22 8.88 -41.14 20.84
C ASN B 22 10.22 -41.13 21.55
N GLN B 23 11.21 -41.83 20.99
CA GLN B 23 12.55 -41.84 21.60
C GLN B 23 13.17 -40.45 21.59
N ILE B 24 13.00 -39.70 20.50
CA ILE B 24 13.57 -38.36 20.43
C ILE B 24 12.85 -37.43 21.39
N ARG B 25 11.54 -37.63 21.58
CA ARG B 25 10.81 -36.84 22.57
C ARG B 25 11.33 -37.13 23.97
N ASP B 26 11.58 -38.41 24.28
CA ASP B 26 12.14 -38.75 25.59
C ASP B 26 13.52 -38.15 25.77
N ALA B 27 14.35 -38.18 24.73
CA ALA B 27 15.69 -37.60 24.81
C ALA B 27 15.64 -36.10 25.02
N ARG B 28 14.70 -35.42 24.36
CA ARG B 28 14.53 -33.99 24.56
C ARG B 28 14.04 -33.70 25.98
N LYS B 29 13.11 -34.51 26.49
CA LYS B 29 12.58 -34.30 27.83
C LYS B 29 13.66 -34.50 28.90
N ALA B 30 14.51 -35.52 28.73
CA ALA B 30 15.52 -35.81 29.73
C ALA B 30 16.53 -34.68 29.86
N CYS B 31 16.82 -33.98 28.76
CA CYS B 31 17.79 -32.89 28.78
C CYS B 31 17.25 -31.62 29.41
N ALA B 32 15.95 -31.56 29.71
CA ALA B 32 15.35 -30.36 30.27
C ALA B 32 15.59 -30.32 31.78
N ASP B 33 16.14 -29.21 32.26
CA ASP B 33 16.44 -29.03 33.68
C ASP B 33 15.59 -27.92 34.31
N ALA B 34 15.63 -26.72 33.76
CA ALA B 34 14.89 -25.61 34.33
C ALA B 34 14.64 -24.56 33.25
N THR B 35 13.66 -23.70 33.50
CA THR B 35 13.31 -22.66 32.55
C THR B 35 14.35 -21.54 32.55
N LEU B 36 14.45 -20.85 31.41
CA LEU B 36 15.39 -19.74 31.29
C LEU B 36 14.89 -18.49 31.98
N SER B 37 13.57 -18.32 32.09
CA SER B 37 13.01 -17.09 32.65
C SER B 37 13.46 -16.88 34.10
N GLN B 38 13.31 -17.92 34.92
CA GLN B 38 13.64 -17.78 36.34
C GLN B 38 15.13 -17.51 36.54
N ILE B 39 15.98 -18.21 35.80
CA ILE B 39 17.42 -18.09 36.00
C ILE B 39 17.99 -16.84 35.34
N THR B 40 17.26 -16.21 34.42
CA THR B 40 17.69 -14.95 33.85
C THR B 40 17.17 -13.73 34.60
N ASN B 41 16.30 -13.93 35.59
CA ASN B 41 15.67 -12.79 36.26
C ASN B 41 16.64 -12.06 37.18
N ASN B 42 17.65 -12.75 37.72
CA ASN B 42 18.57 -12.14 38.66
C ASN B 42 19.42 -11.05 38.02
N ILE B 43 19.48 -11.00 36.68
CA ILE B 43 20.28 -9.99 36.01
C ILE B 43 19.62 -8.62 36.16
N ASP B 44 20.45 -7.58 36.24
CA ASP B 44 19.95 -6.22 36.26
C ASP B 44 19.32 -5.86 34.92
N PRO B 45 18.27 -5.04 34.92
CA PRO B 45 17.58 -4.71 33.67
C PRO B 45 18.49 -3.96 32.70
N VAL B 46 18.25 -4.18 31.41
CA VAL B 46 19.06 -3.53 30.38
C VAL B 46 18.75 -2.04 30.33
N GLY B 47 17.47 -1.67 30.41
CA GLY B 47 17.08 -0.28 30.36
C GLY B 47 16.72 0.18 28.96
N ARG B 48 16.13 1.38 28.90
CA ARG B 48 15.66 1.92 27.64
C ARG B 48 16.84 2.27 26.73
N ILE B 49 16.80 1.76 25.50
CA ILE B 49 17.86 1.98 24.52
C ILE B 49 17.22 2.62 23.31
N GLN B 50 16.23 3.48 23.54
CA GLN B 50 15.55 4.18 22.47
C GLN B 50 16.54 4.88 21.55
N MET B 51 16.41 4.64 20.24
CA MET B 51 17.34 5.14 19.23
C MET B 51 16.66 6.16 18.34
N ARG B 52 17.45 6.74 17.44
CA ARG B 52 17.01 7.81 16.56
C ARG B 52 17.47 7.52 15.14
N THR B 53 17.15 8.45 14.23
CA THR B 53 17.51 8.32 12.83
C THR B 53 18.66 9.24 12.46
N ARG B 54 19.29 8.92 11.33
CA ARG B 54 20.47 9.61 10.85
C ARG B 54 20.33 9.73 9.33
N ARG B 55 21.45 9.97 8.66
CA ARG B 55 21.51 10.11 7.21
C ARG B 55 20.56 9.16 6.49
N THR B 56 19.76 9.73 5.60
CA THR B 56 18.78 8.98 4.81
C THR B 56 19.15 9.05 3.34
N LEU B 57 19.13 7.90 2.67
CA LEU B 57 19.62 7.78 1.31
C LEU B 57 18.45 7.58 0.36
N ARG B 58 18.47 8.30 -0.76
CA ARG B 58 17.36 8.32 -1.70
C ARG B 58 17.85 7.94 -3.09
N GLY B 59 16.90 7.68 -3.99
CA GLY B 59 17.23 7.39 -5.37
C GLY B 59 16.85 6.01 -5.87
N HIS B 60 15.76 5.45 -5.36
CA HIS B 60 15.24 4.19 -5.84
C HIS B 60 13.78 4.36 -6.23
N LEU B 61 13.31 3.54 -7.17
CA LEU B 61 11.96 3.65 -7.70
C LEU B 61 10.97 2.70 -7.01
N ALA B 62 11.18 1.41 -7.16
CA ALA B 62 10.27 0.42 -6.59
C ALA B 62 10.76 0.01 -5.20
N LYS B 63 10.20 -1.06 -4.68
CA LYS B 63 10.52 -1.51 -3.33
C LYS B 63 11.90 -2.16 -3.28
N ILE B 64 12.30 -2.57 -2.07
CA ILE B 64 13.60 -3.15 -1.79
C ILE B 64 13.40 -4.58 -1.27
N TYR B 65 14.39 -5.44 -1.54
CA TYR B 65 14.33 -6.83 -1.12
C TYR B 65 15.54 -7.31 -0.33
N ALA B 66 16.69 -6.64 -0.41
CA ALA B 66 17.87 -7.14 0.29
C ALA B 66 18.86 -6.01 0.54
N MET B 67 19.72 -6.22 1.53
CA MET B 67 20.83 -5.33 1.82
C MET B 67 21.80 -6.05 2.75
N HIS B 68 23.09 -5.89 2.49
CA HIS B 68 24.15 -6.47 3.30
C HIS B 68 25.17 -5.39 3.59
N TRP B 69 25.51 -5.23 4.87
CA TRP B 69 26.36 -4.11 5.28
C TRP B 69 27.75 -4.19 4.66
N GLY B 70 28.53 -5.17 5.05
CA GLY B 70 29.91 -5.24 4.67
C GLY B 70 30.77 -5.62 5.85
N THR B 71 32.09 -5.50 5.66
CA THR B 71 33.07 -5.90 6.66
C THR B 71 33.70 -4.70 7.36
N ASP B 72 34.22 -3.74 6.60
CA ASP B 72 34.84 -2.55 7.18
C ASP B 72 33.83 -1.60 7.80
N SER B 73 32.53 -1.86 7.65
CA SER B 73 31.47 -1.07 8.27
C SER B 73 31.41 0.34 7.69
N ARG B 74 31.73 0.49 6.41
CA ARG B 74 31.70 1.79 5.75
C ARG B 74 30.95 1.81 4.43
N LEU B 75 30.76 0.69 3.74
CA LEU B 75 29.99 0.62 2.52
C LEU B 75 28.72 -0.20 2.72
N LEU B 76 27.89 -0.25 1.68
CA LEU B 76 26.75 -1.18 1.66
C LEU B 76 26.22 -1.29 0.23
N VAL B 77 25.27 -2.19 0.02
CA VAL B 77 24.73 -2.46 -1.31
C VAL B 77 23.26 -2.84 -1.19
N SER B 78 22.45 -2.35 -2.14
CA SER B 78 21.02 -2.61 -2.11
C SER B 78 20.51 -2.91 -3.52
N ALA B 79 19.46 -3.74 -3.57
CA ALA B 79 18.88 -4.24 -4.80
C ALA B 79 17.39 -3.89 -4.87
N SER B 80 16.92 -3.54 -6.06
CA SER B 80 15.54 -3.10 -6.23
C SER B 80 14.91 -3.82 -7.41
N GLN B 81 13.60 -3.61 -7.58
CA GLN B 81 12.80 -4.33 -8.56
C GLN B 81 12.71 -3.64 -9.91
N ASP B 82 13.46 -2.57 -10.15
CA ASP B 82 13.70 -2.09 -11.50
C ASP B 82 14.98 -2.64 -12.08
N GLY B 83 15.46 -3.76 -11.56
CA GLY B 83 16.73 -4.31 -12.01
C GLY B 83 17.90 -3.39 -11.71
N LYS B 84 17.92 -2.80 -10.53
CA LYS B 84 18.92 -1.80 -10.17
C LYS B 84 19.65 -2.25 -8.92
N LEU B 85 20.98 -2.35 -9.02
CA LEU B 85 21.86 -2.56 -7.88
C LEU B 85 22.62 -1.28 -7.64
N ILE B 86 22.74 -0.86 -6.37
CA ILE B 86 23.45 0.36 -6.05
C ILE B 86 24.32 0.13 -4.84
N ILE B 87 25.58 0.59 -4.91
CA ILE B 87 26.52 0.48 -3.79
C ILE B 87 26.64 1.87 -3.17
N TRP B 88 26.32 1.97 -1.89
CA TRP B 88 26.29 3.24 -1.17
C TRP B 88 27.49 3.41 -0.25
N ASP B 89 27.96 4.66 -0.17
CA ASP B 89 28.89 5.11 0.87
C ASP B 89 28.06 5.65 2.04
N SER B 90 28.19 5.01 3.19
CA SER B 90 27.38 5.37 4.34
C SER B 90 27.83 6.67 4.99
N TYR B 91 29.15 6.93 5.02
CA TYR B 91 29.66 8.05 5.78
C TYR B 91 29.31 9.38 5.14
N THR B 92 29.53 9.51 3.84
CA THR B 92 29.31 10.77 3.13
C THR B 92 27.99 10.81 2.37
N THR B 93 27.18 9.75 2.46
CA THR B 93 25.86 9.69 1.82
C THR B 93 25.94 9.98 0.32
N ASN B 94 26.66 9.11 -0.38
CA ASN B 94 26.87 9.27 -1.82
C ASN B 94 26.57 7.97 -2.56
N LYS B 95 26.90 7.95 -3.86
CA LYS B 95 26.83 6.74 -4.66
C LYS B 95 28.15 6.57 -5.41
N VAL B 96 28.57 5.32 -5.58
CA VAL B 96 29.83 5.00 -6.25
C VAL B 96 29.64 4.08 -7.45
N HIS B 97 28.81 3.04 -7.31
CA HIS B 97 28.64 2.07 -8.40
C HIS B 97 27.18 1.66 -8.49
N ALA B 98 26.55 2.00 -9.61
CA ALA B 98 25.17 1.62 -9.90
C ALA B 98 25.16 0.76 -11.13
N ILE B 99 24.59 -0.44 -11.02
CA ILE B 99 24.63 -1.43 -12.09
C ILE B 99 23.21 -1.83 -12.46
N PRO B 100 22.92 -2.02 -13.73
CA PRO B 100 21.63 -2.58 -14.15
C PRO B 100 21.62 -4.09 -13.94
N LEU B 101 20.46 -4.69 -14.21
CA LEU B 101 20.26 -6.13 -14.05
C LEU B 101 19.59 -6.68 -15.29
N ARG B 102 19.95 -7.93 -15.62
CA ARG B 102 19.44 -8.54 -16.84
C ARG B 102 17.98 -8.97 -16.68
N SER B 103 17.62 -9.55 -15.53
CA SER B 103 16.27 -9.96 -15.25
C SER B 103 15.67 -9.02 -14.20
N SER B 104 14.51 -8.47 -14.50
CA SER B 104 13.90 -7.43 -13.68
C SER B 104 13.22 -7.96 -12.43
N TRP B 105 13.42 -9.23 -12.08
CA TRP B 105 12.87 -9.80 -10.86
C TRP B 105 14.04 -10.36 -10.03
N VAL B 106 14.45 -9.61 -9.01
CA VAL B 106 15.57 -9.98 -8.16
C VAL B 106 15.08 -10.01 -6.72
N MET B 107 15.43 -11.08 -6.00
CA MET B 107 14.91 -11.35 -4.67
C MET B 107 15.92 -11.20 -3.56
N THR B 108 17.16 -11.64 -3.75
CA THR B 108 18.18 -11.57 -2.70
C THR B 108 19.50 -11.10 -3.27
N CYS B 109 20.22 -10.31 -2.48
CA CYS B 109 21.55 -9.84 -2.82
C CYS B 109 22.47 -10.06 -1.64
N ALA B 110 23.77 -9.90 -1.87
CA ALA B 110 24.72 -10.05 -0.77
C ALA B 110 26.06 -9.42 -1.12
N TYR B 111 26.80 -9.08 -0.06
CA TYR B 111 28.13 -8.49 -0.15
C TYR B 111 29.16 -9.52 0.27
N ALA B 112 30.27 -9.59 -0.46
CA ALA B 112 31.31 -10.55 -0.15
C ALA B 112 32.00 -10.21 1.16
N PRO B 113 32.47 -11.20 1.91
CA PRO B 113 33.23 -10.91 3.13
C PRO B 113 34.56 -10.23 2.88
N SER B 114 35.09 -10.29 1.67
CA SER B 114 36.35 -9.64 1.35
C SER B 114 36.17 -8.21 0.87
N GLY B 115 34.93 -7.75 0.74
CA GLY B 115 34.68 -6.41 0.22
C GLY B 115 35.06 -6.25 -1.23
N ASN B 116 34.91 -7.29 -2.04
CA ASN B 116 35.32 -7.25 -3.44
C ASN B 116 34.31 -7.82 -4.41
N TYR B 117 33.34 -8.64 -3.97
CA TYR B 117 32.36 -9.25 -4.84
C TYR B 117 30.96 -8.82 -4.43
N VAL B 118 30.06 -8.76 -5.39
CA VAL B 118 28.64 -8.49 -5.13
C VAL B 118 27.82 -9.60 -5.77
N ALA B 119 26.91 -10.21 -5.02
CA ALA B 119 26.14 -11.34 -5.51
C ALA B 119 24.67 -10.95 -5.64
N CYS B 120 24.05 -11.35 -6.76
CA CYS B 120 22.63 -11.10 -6.96
C CYS B 120 21.95 -12.37 -7.47
N GLY B 121 20.67 -12.50 -7.11
CA GLY B 121 19.84 -13.61 -7.50
C GLY B 121 18.54 -13.11 -8.12
N GLY B 122 17.49 -13.89 -7.95
CA GLY B 122 16.19 -13.48 -8.44
C GLY B 122 15.36 -14.67 -8.87
N LEU B 123 14.46 -14.39 -9.82
CA LEU B 123 13.46 -15.36 -10.28
C LEU B 123 13.88 -16.14 -11.51
N ASP B 124 15.02 -15.81 -12.11
CA ASP B 124 15.47 -16.51 -13.30
C ASP B 124 16.16 -17.83 -12.98
N ASN B 125 16.20 -18.22 -11.71
CA ASN B 125 16.86 -19.45 -11.27
C ASN B 125 18.33 -19.48 -11.70
N ILE B 126 18.98 -18.33 -11.59
CA ILE B 126 20.38 -18.18 -11.96
C ILE B 126 20.98 -17.13 -11.04
N CYS B 127 22.26 -17.33 -10.69
CA CYS B 127 22.94 -16.43 -9.78
C CYS B 127 24.06 -15.70 -10.51
N SER B 128 24.16 -14.39 -10.32
CA SER B 128 25.16 -13.58 -10.99
C SER B 128 26.13 -12.98 -9.97
N ILE B 129 27.40 -12.93 -10.34
CA ILE B 129 28.46 -12.43 -9.46
C ILE B 129 29.18 -11.30 -10.17
N TYR B 130 29.39 -10.19 -9.47
CA TYR B 130 29.97 -8.98 -10.04
C TYR B 130 31.27 -8.65 -9.31
N ASN B 131 32.33 -8.43 -10.08
CA ASN B 131 33.65 -8.16 -9.53
C ASN B 131 33.86 -6.65 -9.49
N LEU B 132 33.83 -6.08 -8.29
CA LEU B 132 33.96 -4.63 -8.14
C LEU B 132 35.33 -4.15 -8.60
N LYS B 133 36.38 -4.89 -8.27
CA LYS B 133 37.73 -4.52 -8.69
C LYS B 133 37.93 -4.97 -10.12
N THR B 134 37.79 -4.03 -11.06
CA THR B 134 37.86 -4.32 -12.49
C THR B 134 39.19 -3.88 -13.08
N ARG B 135 39.60 -4.57 -14.14
CA ARG B 135 40.80 -4.21 -14.88
C ARG B 135 40.49 -3.38 -16.13
N GLU B 136 39.23 -3.09 -16.40
CA GLU B 136 38.83 -2.32 -17.57
C GLU B 136 38.01 -1.08 -17.22
N GLY B 137 37.94 -0.71 -15.95
CA GLY B 137 37.23 0.49 -15.54
C GLY B 137 35.73 0.46 -15.73
N ASN B 138 35.08 -0.65 -15.38
CA ASN B 138 33.63 -0.77 -15.42
C ASN B 138 33.23 -2.06 -14.73
N VAL B 139 32.04 -2.06 -14.14
CA VAL B 139 31.48 -3.28 -13.57
C VAL B 139 30.97 -4.15 -14.71
N ARG B 140 31.46 -5.40 -14.76
CA ARG B 140 31.02 -6.37 -15.74
C ARG B 140 30.74 -7.70 -15.05
N VAL B 141 29.74 -8.41 -15.58
CA VAL B 141 29.39 -9.72 -15.06
C VAL B 141 30.44 -10.73 -15.53
N SER B 142 31.08 -11.40 -14.59
CA SER B 142 32.08 -12.41 -14.89
C SER B 142 31.51 -13.82 -14.85
N ARG B 143 30.82 -14.17 -13.78
CA ARG B 143 30.32 -15.54 -13.60
C ARG B 143 28.84 -15.54 -13.26
N GLU B 144 28.16 -16.57 -13.78
CA GLU B 144 26.78 -16.88 -13.43
C GLU B 144 26.66 -18.39 -13.29
N LEU B 145 25.86 -18.81 -12.32
CA LEU B 145 25.70 -20.23 -12.01
C LEU B 145 24.24 -20.62 -12.15
N ALA B 146 24.01 -21.79 -12.75
CA ALA B 146 22.68 -22.30 -13.01
C ALA B 146 22.65 -23.79 -12.71
N GLY B 147 21.44 -24.33 -12.58
CA GLY B 147 21.26 -25.73 -12.26
C GLY B 147 20.13 -25.98 -11.31
N HIS B 148 19.48 -24.90 -10.86
CA HIS B 148 18.35 -25.01 -9.95
C HIS B 148 17.05 -25.20 -10.74
N THR B 149 15.99 -25.51 -10.00
CA THR B 149 14.66 -25.69 -10.58
C THR B 149 13.64 -24.87 -9.81
N GLY B 150 13.97 -23.63 -9.53
CA GLY B 150 13.06 -22.76 -8.80
C GLY B 150 13.76 -21.48 -8.39
N TYR B 151 12.98 -20.60 -7.78
CA TYR B 151 13.45 -19.26 -7.45
C TYR B 151 14.47 -19.30 -6.32
N LEU B 152 15.47 -18.43 -6.43
CA LEU B 152 16.52 -18.30 -5.43
C LEU B 152 16.02 -17.49 -4.23
N SER B 153 16.63 -17.72 -3.08
CA SER B 153 16.27 -16.92 -1.91
C SER B 153 17.45 -16.52 -1.03
N CYS B 154 18.69 -16.86 -1.37
CA CYS B 154 19.86 -16.42 -0.62
C CYS B 154 21.12 -16.84 -1.36
N CYS B 155 22.18 -16.03 -1.22
CA CYS B 155 23.49 -16.35 -1.78
C CYS B 155 24.54 -15.63 -0.93
N ARG B 156 25.13 -16.36 0.02
CA ARG B 156 26.07 -15.78 0.97
C ARG B 156 27.41 -16.49 0.85
N PHE B 157 28.48 -15.71 0.70
CA PHE B 157 29.80 -16.27 0.44
C PHE B 157 30.37 -16.92 1.69
N LEU B 158 31.34 -17.81 1.47
CA LEU B 158 32.31 -18.20 2.48
C LEU B 158 33.66 -17.54 2.24
N ASP B 159 34.13 -17.54 1.00
CA ASP B 159 35.35 -16.85 0.62
C ASP B 159 35.20 -16.37 -0.82
N ASP B 160 36.31 -16.09 -1.48
CA ASP B 160 36.27 -15.65 -2.86
C ASP B 160 36.08 -16.78 -3.85
N ASN B 161 35.87 -18.02 -3.37
CA ASN B 161 35.69 -19.15 -4.27
C ASN B 161 34.57 -20.10 -3.84
N GLN B 162 33.92 -19.86 -2.70
CA GLN B 162 32.83 -20.70 -2.24
C GLN B 162 31.60 -19.84 -1.99
N ILE B 163 30.43 -20.37 -2.37
CA ILE B 163 29.14 -19.75 -2.09
C ILE B 163 28.11 -20.86 -1.88
N VAL B 164 27.18 -20.60 -0.98
CA VAL B 164 26.09 -21.54 -0.68
C VAL B 164 24.79 -20.90 -1.16
N THR B 165 24.08 -21.59 -2.04
CA THR B 165 22.86 -21.09 -2.65
C THR B 165 21.67 -21.88 -2.13
N SER B 166 20.55 -21.19 -1.89
CA SER B 166 19.31 -21.80 -1.47
C SER B 166 18.23 -21.49 -2.49
N SER B 167 17.49 -22.53 -2.92
CA SER B 167 16.48 -22.37 -3.95
C SER B 167 15.12 -22.84 -3.44
N GLY B 168 14.08 -22.31 -4.08
CA GLY B 168 12.72 -22.69 -3.74
C GLY B 168 12.36 -24.11 -4.13
N ASP B 169 13.24 -24.80 -4.85
CA ASP B 169 13.04 -26.18 -5.25
C ASP B 169 13.50 -27.17 -4.19
N THR B 170 13.53 -26.74 -2.92
CA THR B 170 13.76 -27.60 -1.75
C THR B 170 15.22 -28.06 -1.65
N THR B 171 16.15 -27.31 -2.22
CA THR B 171 17.55 -27.72 -2.22
C THR B 171 18.47 -26.52 -1.97
N CYS B 172 19.62 -26.81 -1.37
CA CYS B 172 20.73 -25.88 -1.27
C CYS B 172 21.97 -26.53 -1.84
N ALA B 173 22.98 -25.72 -2.14
CA ALA B 173 24.16 -26.25 -2.79
C ALA B 173 25.39 -25.41 -2.45
N LEU B 174 26.56 -26.02 -2.61
CA LEU B 174 27.84 -25.34 -2.46
C LEU B 174 28.55 -25.33 -3.82
N TRP B 175 28.95 -24.15 -4.27
CA TRP B 175 29.50 -23.98 -5.60
C TRP B 175 30.99 -23.65 -5.52
N ASP B 176 31.64 -23.71 -6.69
CA ASP B 176 33.02 -23.27 -6.83
C ASP B 176 33.10 -22.43 -8.09
N ILE B 177 33.56 -21.19 -7.95
CA ILE B 177 33.48 -20.23 -9.04
C ILE B 177 34.27 -20.70 -10.25
N GLU B 178 35.47 -21.23 -10.02
CA GLU B 178 36.34 -21.62 -11.14
C GLU B 178 35.68 -22.68 -12.00
N THR B 179 35.09 -23.69 -11.39
CA THR B 179 34.42 -24.74 -12.15
C THR B 179 32.96 -24.42 -12.44
N GLY B 180 32.33 -23.56 -11.66
CA GLY B 180 30.95 -23.18 -11.91
C GLY B 180 29.97 -24.34 -11.84
N GLN B 181 30.21 -25.30 -10.95
CA GLN B 181 29.31 -26.44 -10.80
C GLN B 181 28.91 -26.60 -9.34
N GLN B 182 28.20 -27.68 -9.04
CA GLN B 182 27.75 -27.96 -7.68
C GLN B 182 28.65 -29.04 -7.09
N THR B 183 29.48 -28.67 -6.11
CA THR B 183 30.32 -29.66 -5.44
C THR B 183 29.50 -30.58 -4.56
N THR B 184 28.62 -30.01 -3.72
CA THR B 184 27.75 -30.80 -2.87
C THR B 184 26.38 -30.16 -2.83
N THR B 185 25.36 -31.00 -2.62
CA THR B 185 23.97 -30.59 -2.63
C THR B 185 23.28 -31.07 -1.36
N PHE B 186 22.61 -30.16 -0.66
CA PHE B 186 21.87 -30.46 0.56
C PHE B 186 20.40 -30.54 0.22
N THR B 187 19.82 -31.73 0.43
CA THR B 187 18.43 -32.02 0.11
C THR B 187 17.78 -32.72 1.30
N GLY B 188 16.45 -32.62 1.37
CA GLY B 188 15.71 -33.28 2.42
C GLY B 188 14.83 -32.39 3.28
N HIS B 189 14.35 -31.28 2.74
CA HIS B 189 13.48 -30.38 3.49
C HIS B 189 11.99 -30.66 3.29
N THR B 190 11.58 -31.07 2.10
CA THR B 190 10.16 -31.29 1.75
C THR B 190 9.35 -30.01 1.93
N GLY B 191 9.75 -28.98 1.19
CA GLY B 191 9.10 -27.68 1.26
C GLY B 191 9.86 -26.61 0.50
N ASP B 192 9.84 -25.38 0.99
CA ASP B 192 10.60 -24.27 0.40
C ASP B 192 11.48 -23.63 1.47
N VAL B 193 12.74 -23.37 1.13
CA VAL B 193 13.70 -22.78 2.04
C VAL B 193 13.89 -21.31 1.67
N MET B 194 14.04 -20.46 2.70
CA MET B 194 14.05 -19.02 2.49
C MET B 194 15.39 -18.38 2.85
N SER B 195 15.89 -18.55 4.07
CA SER B 195 17.00 -17.75 4.56
C SER B 195 18.02 -18.61 5.27
N LEU B 196 19.30 -18.29 5.07
CA LEU B 196 20.41 -18.98 5.69
C LEU B 196 21.44 -17.98 6.18
N SER B 197 22.11 -18.31 7.27
CA SER B 197 23.22 -17.53 7.79
C SER B 197 24.37 -18.46 8.15
N LEU B 198 25.59 -18.01 7.92
CA LEU B 198 26.77 -18.83 8.15
C LEU B 198 27.11 -18.80 9.63
N ALA B 199 28.31 -19.28 9.99
CA ALA B 199 28.76 -19.29 11.37
C ALA B 199 30.07 -18.51 11.50
N PRO B 200 30.33 -17.91 12.66
CA PRO B 200 31.59 -17.16 12.81
C PRO B 200 32.82 -18.02 12.65
N ASP B 201 32.76 -19.31 12.99
CA ASP B 201 33.88 -20.21 12.77
C ASP B 201 33.93 -20.76 11.35
N THR B 202 32.94 -20.42 10.51
CA THR B 202 32.93 -20.79 9.10
C THR B 202 33.04 -22.30 8.91
N ARG B 203 32.30 -23.06 9.72
CA ARG B 203 32.30 -24.52 9.65
C ARG B 203 30.93 -25.12 9.42
N LEU B 204 29.89 -24.61 10.07
CA LEU B 204 28.52 -25.06 9.87
C LEU B 204 27.64 -23.86 9.55
N PHE B 205 26.40 -24.13 9.17
CA PHE B 205 25.39 -23.08 9.03
C PHE B 205 24.01 -23.72 9.15
N VAL B 206 22.97 -22.93 8.89
CA VAL B 206 21.60 -23.38 9.08
C VAL B 206 20.76 -23.04 7.86
N SER B 207 19.62 -23.72 7.75
CA SER B 207 18.64 -23.47 6.71
C SER B 207 17.25 -23.42 7.34
N GLY B 208 16.51 -22.36 7.05
CA GLY B 208 15.14 -22.21 7.51
C GLY B 208 14.19 -22.36 6.34
N ALA B 209 13.12 -23.12 6.53
CA ALA B 209 12.28 -23.52 5.42
C ALA B 209 10.80 -23.44 5.81
N CYS B 210 9.96 -23.45 4.78
CA CYS B 210 8.51 -23.39 4.93
C CYS B 210 7.92 -24.65 5.54
N ASP B 211 8.69 -25.72 5.66
CA ASP B 211 8.22 -26.97 6.25
C ASP B 211 7.94 -26.87 7.74
N ALA B 212 8.06 -25.67 8.32
CA ALA B 212 7.93 -25.37 9.76
C ALA B 212 9.08 -25.94 10.57
N SER B 213 10.24 -26.15 9.96
CA SER B 213 11.40 -26.68 10.68
C SER B 213 12.67 -26.02 10.16
N ALA B 214 13.69 -26.01 11.01
CA ALA B 214 15.00 -25.52 10.65
C ALA B 214 15.99 -26.68 10.69
N LYS B 215 17.13 -26.50 10.03
CA LYS B 215 18.12 -27.57 10.00
C LYS B 215 19.52 -27.00 10.08
N LEU B 216 20.45 -27.82 10.58
CA LEU B 216 21.86 -27.49 10.67
C LEU B 216 22.63 -28.31 9.65
N TRP B 217 23.45 -27.64 8.84
CA TRP B 217 24.19 -28.28 7.77
C TRP B 217 25.68 -28.04 7.94
N ASP B 218 26.48 -29.02 7.51
CA ASP B 218 27.93 -28.93 7.52
C ASP B 218 28.46 -28.97 6.08
N VAL B 219 29.59 -28.30 5.88
CA VAL B 219 30.07 -28.05 4.53
C VAL B 219 30.90 -29.22 4.00
N ARG B 220 31.81 -29.74 4.83
CA ARG B 220 32.71 -30.77 4.37
C ARG B 220 31.99 -32.10 4.14
N GLU B 221 31.37 -32.64 5.18
CA GLU B 221 30.68 -33.92 5.04
C GLU B 221 29.43 -33.78 4.16
N GLY B 222 28.61 -32.76 4.43
CA GLY B 222 27.46 -32.49 3.60
C GLY B 222 26.12 -32.85 4.23
N MET B 223 26.07 -33.98 4.92
CA MET B 223 24.82 -34.44 5.51
C MET B 223 24.35 -33.49 6.61
N CYS B 224 23.03 -33.40 6.77
CA CYS B 224 22.47 -32.57 7.82
C CYS B 224 22.82 -33.13 9.19
N ARG B 225 23.13 -32.24 10.12
CA ARG B 225 23.53 -32.65 11.46
C ARG B 225 22.33 -32.81 12.39
N GLN B 226 21.41 -31.84 12.39
CA GLN B 226 20.24 -31.93 13.26
C GLN B 226 19.13 -31.07 12.71
N THR B 227 17.92 -31.31 13.22
CA THR B 227 16.71 -30.61 12.80
C THR B 227 15.99 -30.06 14.03
N PHE B 228 15.28 -28.96 13.82
CA PHE B 228 14.63 -28.22 14.90
C PHE B 228 13.18 -27.94 14.50
N THR B 229 12.28 -28.08 15.47
CA THR B 229 10.87 -27.80 15.27
C THR B 229 10.44 -26.68 16.22
N GLY B 230 9.14 -26.42 16.26
CA GLY B 230 8.60 -25.47 17.21
C GLY B 230 7.67 -24.44 16.59
N HIS B 231 7.98 -24.00 15.39
CA HIS B 231 7.14 -23.01 14.72
C HIS B 231 6.05 -23.71 13.92
N GLU B 232 4.93 -23.01 13.76
CA GLU B 232 3.77 -23.58 13.08
C GLU B 232 3.79 -23.26 11.58
N SER B 233 3.80 -21.99 11.24
CA SER B 233 3.68 -21.54 9.86
C SER B 233 5.08 -21.40 9.24
N ASP B 234 5.15 -20.72 8.10
CA ASP B 234 6.39 -20.60 7.36
C ASP B 234 7.43 -19.82 8.14
N ILE B 235 8.67 -20.29 8.09
CA ILE B 235 9.80 -19.61 8.71
C ILE B 235 10.49 -18.75 7.65
N ASN B 236 10.68 -17.46 7.95
CA ASN B 236 11.26 -16.57 6.96
C ASN B 236 12.24 -15.57 7.58
N ALA B 237 12.92 -15.94 8.67
CA ALA B 237 14.05 -15.14 9.13
C ALA B 237 14.94 -15.98 10.04
N ILE B 238 16.25 -15.88 9.82
CA ILE B 238 17.22 -16.60 10.65
C ILE B 238 18.52 -15.79 10.68
N CYS B 239 19.33 -16.04 11.71
CA CYS B 239 20.63 -15.40 11.88
C CYS B 239 21.46 -16.25 12.84
N PHE B 240 22.65 -15.74 13.20
CA PHE B 240 23.55 -16.44 14.10
C PHE B 240 24.03 -15.53 15.22
N PHE B 241 24.13 -16.10 16.41
CA PHE B 241 24.71 -15.44 17.56
C PHE B 241 26.22 -15.27 17.36
N PRO B 242 26.83 -14.29 18.03
CA PRO B 242 28.28 -14.11 17.86
C PRO B 242 29.12 -15.33 18.25
N ASN B 243 28.69 -16.09 19.25
CA ASN B 243 29.51 -17.21 19.71
C ASN B 243 29.46 -18.38 18.74
N GLY B 244 28.34 -18.56 18.04
CA GLY B 244 28.16 -19.71 17.18
C GLY B 244 27.46 -20.88 17.82
N ASN B 245 26.94 -20.71 19.04
CA ASN B 245 26.22 -21.76 19.75
C ASN B 245 24.79 -21.35 20.08
N ALA B 246 24.19 -20.53 19.23
CA ALA B 246 22.79 -20.15 19.36
C ALA B 246 22.33 -19.56 18.04
N PHE B 247 21.02 -19.57 17.83
CA PHE B 247 20.44 -18.91 16.67
C PHE B 247 18.97 -18.61 16.94
N ALA B 248 18.53 -17.44 16.50
CA ALA B 248 17.16 -16.98 16.71
C ALA B 248 16.43 -16.97 15.39
N THR B 249 15.17 -17.39 15.43
CA THR B 249 14.36 -17.59 14.23
C THR B 249 13.06 -16.81 14.33
N GLY B 250 12.62 -16.31 13.18
CA GLY B 250 11.35 -15.60 13.07
C GLY B 250 10.50 -16.15 11.94
N SER B 251 9.21 -16.36 12.22
CA SER B 251 8.32 -17.01 11.27
C SER B 251 7.07 -16.17 11.01
N ASP B 252 6.08 -16.76 10.31
CA ASP B 252 4.90 -16.02 9.93
C ASP B 252 3.87 -15.89 11.04
N ASP B 253 3.96 -16.72 12.07
CA ASP B 253 3.00 -16.69 13.17
C ASP B 253 3.25 -15.56 14.15
N ALA B 254 4.07 -14.56 13.77
CA ALA B 254 4.38 -13.41 14.62
C ALA B 254 4.98 -13.84 15.95
N THR B 255 5.85 -14.84 15.91
CA THR B 255 6.53 -15.34 17.10
C THR B 255 7.99 -15.58 16.78
N CYS B 256 8.88 -14.96 17.54
CA CYS B 256 10.31 -15.20 17.44
C CYS B 256 10.72 -16.18 18.53
N ARG B 257 11.72 -17.02 18.23
CA ARG B 257 12.17 -18.02 19.17
C ARG B 257 13.69 -18.14 19.11
N LEU B 258 14.26 -18.77 20.12
CA LEU B 258 15.71 -18.94 20.24
C LEU B 258 16.04 -20.40 20.44
N PHE B 259 17.09 -20.87 19.75
CA PHE B 259 17.57 -22.23 19.89
C PHE B 259 19.05 -22.22 20.27
N ASP B 260 19.44 -23.18 21.10
CA ASP B 260 20.84 -23.42 21.44
C ASP B 260 21.24 -24.77 20.87
N LEU B 261 22.32 -24.79 20.07
CA LEU B 261 22.72 -26.01 19.39
C LEU B 261 23.15 -27.08 20.37
N ARG B 262 23.85 -26.70 21.44
CA ARG B 262 24.35 -27.68 22.40
C ARG B 262 23.20 -28.39 23.11
N ALA B 263 22.26 -27.62 23.65
CA ALA B 263 21.12 -28.21 24.32
C ALA B 263 20.14 -28.85 23.35
N ASP B 264 20.14 -28.42 22.08
CA ASP B 264 19.23 -28.94 21.06
C ASP B 264 17.77 -28.80 21.50
N GLN B 265 17.43 -27.64 22.05
CA GLN B 265 16.07 -27.37 22.49
C GLN B 265 15.69 -25.97 22.05
N GLU B 266 14.53 -25.51 22.49
CA GLU B 266 14.11 -24.13 22.35
C GLU B 266 14.09 -23.49 23.74
N LEU B 267 14.75 -22.34 23.88
CA LEU B 267 14.98 -21.75 25.19
C LEU B 267 13.92 -20.71 25.54
N MET B 268 13.82 -19.65 24.74
CA MET B 268 12.94 -18.53 25.07
C MET B 268 12.14 -18.13 23.83
N THR B 269 10.91 -17.68 24.08
CA THR B 269 10.04 -17.14 23.04
C THR B 269 9.71 -15.69 23.37
N TYR B 270 9.87 -14.82 22.38
CA TYR B 270 9.54 -13.40 22.52
C TYR B 270 8.20 -13.17 21.83
N SER B 271 7.13 -13.11 22.62
CA SER B 271 5.79 -12.94 22.11
C SER B 271 5.21 -11.60 22.54
N HIS B 272 3.95 -11.37 22.22
CA HIS B 272 3.17 -10.24 22.71
C HIS B 272 1.71 -10.55 22.41
N ASP B 273 0.83 -9.56 22.62
CA ASP B 273 -0.60 -9.77 22.44
C ASP B 273 -1.19 -8.98 21.29
N ASN B 274 -0.69 -7.77 21.02
CA ASN B 274 -1.18 -6.93 19.95
C ASN B 274 -0.36 -7.07 18.67
N ILE B 275 0.23 -8.24 18.46
CA ILE B 275 1.02 -8.53 17.26
C ILE B 275 0.32 -9.64 16.50
N ILE B 276 -0.11 -9.34 15.27
CA ILE B 276 -0.80 -10.31 14.42
C ILE B 276 -0.19 -10.40 13.03
N CYS B 277 0.83 -9.62 12.72
CA CYS B 277 1.56 -9.70 11.46
C CYS B 277 2.95 -10.26 11.71
N GLY B 278 3.40 -11.15 10.82
CA GLY B 278 4.62 -11.90 11.06
C GLY B 278 5.90 -11.16 10.74
N ILE B 279 7.02 -11.77 11.15
CA ILE B 279 8.34 -11.21 10.94
C ILE B 279 8.79 -11.44 9.51
N THR B 280 9.75 -10.66 9.07
CA THR B 280 10.32 -10.79 7.73
C THR B 280 11.84 -10.93 7.71
N SER B 281 12.55 -10.24 8.61
CA SER B 281 14.01 -10.30 8.62
C SER B 281 14.53 -9.86 9.97
N VAL B 282 15.56 -10.57 10.47
CA VAL B 282 16.12 -10.34 11.79
C VAL B 282 17.64 -10.31 11.72
N SER B 283 18.24 -9.79 12.78
CA SER B 283 19.70 -9.76 12.91
C SER B 283 20.06 -9.63 14.39
N PHE B 284 21.33 -9.90 14.68
CA PHE B 284 21.84 -9.86 16.04
C PHE B 284 22.72 -8.62 16.24
N SER B 285 23.39 -8.53 17.38
CA SER B 285 24.23 -7.38 17.69
C SER B 285 25.65 -7.79 18.04
N LYS B 286 26.46 -6.84 18.52
CA LYS B 286 27.86 -7.12 18.80
C LYS B 286 28.02 -7.90 20.10
N SER B 287 27.61 -7.30 21.22
CA SER B 287 27.76 -7.95 22.52
C SER B 287 26.82 -9.12 22.72
N GLY B 288 25.86 -9.33 21.83
CA GLY B 288 24.85 -10.34 22.06
C GLY B 288 23.75 -9.91 23.01
N ARG B 289 23.48 -8.60 23.09
CA ARG B 289 22.45 -8.08 23.97
C ARG B 289 21.29 -7.46 23.23
N LEU B 290 21.47 -7.03 21.98
CA LEU B 290 20.40 -6.45 21.17
C LEU B 290 20.07 -7.37 20.01
N LEU B 291 18.77 -7.60 19.78
CA LEU B 291 18.31 -8.44 18.69
C LEU B 291 17.24 -7.69 17.90
N LEU B 292 17.50 -7.44 16.62
CA LEU B 292 16.66 -6.57 15.81
C LEU B 292 15.77 -7.39 14.90
N ALA B 293 14.51 -6.96 14.77
CA ALA B 293 13.54 -7.63 13.93
C ALA B 293 12.72 -6.61 13.15
N GLY B 294 12.30 -6.99 11.95
CA GLY B 294 11.40 -6.19 11.14
C GLY B 294 10.07 -6.89 10.98
N TYR B 295 8.98 -6.13 11.08
CA TYR B 295 7.63 -6.67 11.02
C TYR B 295 6.87 -6.04 9.85
N ASP B 296 5.57 -6.33 9.77
CA ASP B 296 4.73 -5.94 8.65
C ASP B 296 3.88 -4.71 8.91
N ASP B 297 3.74 -4.30 10.17
CA ASP B 297 2.90 -3.16 10.52
C ASP B 297 3.67 -1.85 10.38
N PHE B 298 4.68 -1.84 9.51
CA PHE B 298 5.48 -0.65 9.19
C PHE B 298 6.31 -0.18 10.38
N ASN B 299 6.62 -1.06 11.31
CA ASN B 299 7.45 -0.72 12.45
C ASN B 299 8.41 -1.86 12.73
N CYS B 300 9.60 -1.52 13.24
CA CYS B 300 10.63 -2.50 13.55
C CYS B 300 10.92 -2.47 15.04
N ASN B 301 11.39 -3.59 15.58
CA ASN B 301 11.57 -3.72 17.01
C ASN B 301 12.99 -4.14 17.34
N VAL B 302 13.45 -3.73 18.52
CA VAL B 302 14.75 -4.11 19.06
C VAL B 302 14.51 -4.72 20.43
N TRP B 303 14.77 -6.02 20.55
CA TRP B 303 14.58 -6.76 21.79
C TRP B 303 15.92 -6.95 22.49
N ASP B 304 15.84 -7.42 23.73
CA ASP B 304 17.01 -7.86 24.47
C ASP B 304 17.06 -9.39 24.52
N ALA B 305 18.28 -9.93 24.59
CA ALA B 305 18.48 -11.36 24.38
C ALA B 305 18.25 -12.16 25.65
N LEU B 306 19.02 -11.88 26.70
CA LEU B 306 18.98 -12.71 27.90
C LEU B 306 17.63 -12.64 28.60
N LYS B 307 17.02 -11.45 28.65
CA LYS B 307 15.73 -11.29 29.29
C LYS B 307 14.61 -11.43 28.24
N ALA B 308 13.37 -11.24 28.69
CA ALA B 308 12.19 -11.39 27.84
C ALA B 308 11.38 -10.10 27.80
N ASP B 309 12.07 -8.97 27.72
CA ASP B 309 11.42 -7.66 27.65
C ASP B 309 11.88 -6.92 26.41
N ARG B 310 11.03 -6.01 25.94
CA ARG B 310 11.34 -5.16 24.80
C ARG B 310 11.43 -3.72 25.24
N ALA B 311 12.53 -3.05 24.88
CA ALA B 311 12.75 -1.64 25.20
C ALA B 311 13.43 -0.99 24.00
N GLY B 312 12.62 -0.42 23.11
CA GLY B 312 13.13 0.27 21.95
C GLY B 312 12.40 -0.11 20.67
N VAL B 313 11.87 0.89 19.97
CA VAL B 313 11.07 0.69 18.77
C VAL B 313 11.54 1.66 17.71
N LEU B 314 11.70 1.18 16.48
CA LEU B 314 12.10 2.00 15.35
C LEU B 314 10.91 2.21 14.44
N ALA B 315 10.65 3.47 14.11
CA ALA B 315 9.51 3.83 13.28
C ALA B 315 9.93 4.89 12.27
N GLY B 316 9.16 5.00 11.20
CA GLY B 316 9.47 5.96 10.16
C GLY B 316 9.34 5.42 8.77
N HIS B 317 8.82 4.20 8.64
CA HIS B 317 8.68 3.55 7.34
C HIS B 317 7.20 3.46 6.97
N ASP B 318 6.91 3.75 5.70
CA ASP B 318 5.52 3.82 5.23
C ASP B 318 4.96 2.44 4.90
N ASN B 319 5.60 1.72 4.00
CA ASN B 319 5.15 0.40 3.58
C ASN B 319 5.81 -0.67 4.44
N ARG B 320 5.68 -1.93 4.05
CA ARG B 320 6.30 -3.03 4.76
C ARG B 320 7.81 -2.95 4.68
N VAL B 321 8.49 -3.46 5.71
CA VAL B 321 9.93 -3.47 5.78
C VAL B 321 10.46 -4.83 5.33
N SER B 322 11.62 -4.82 4.68
CA SER B 322 12.17 -6.02 4.09
C SER B 322 13.56 -6.38 4.56
N CYS B 323 14.47 -5.42 4.67
CA CYS B 323 15.86 -5.72 4.97
C CYS B 323 16.33 -4.98 6.21
N LEU B 324 17.24 -5.62 6.96
CA LEU B 324 17.72 -5.09 8.22
C LEU B 324 19.09 -5.70 8.51
N GLY B 325 20.02 -4.89 9.01
CA GLY B 325 21.37 -5.36 9.23
C GLY B 325 22.23 -4.55 10.19
N VAL B 326 22.91 -5.25 11.10
CA VAL B 326 23.84 -4.65 12.06
C VAL B 326 25.23 -4.64 11.45
N THR B 327 26.13 -3.85 12.03
CA THR B 327 27.47 -3.71 11.47
C THR B 327 28.44 -4.71 12.10
N ASP B 328 29.66 -4.73 11.57
CA ASP B 328 30.75 -5.53 12.11
C ASP B 328 31.55 -4.78 13.17
N ASP B 329 31.12 -3.56 13.52
CA ASP B 329 31.68 -2.83 14.64
C ASP B 329 30.63 -2.36 15.63
N GLY B 330 29.35 -2.65 15.38
CA GLY B 330 28.29 -2.24 16.26
C GLY B 330 27.93 -0.77 16.18
N MET B 331 28.51 -0.04 15.23
CA MET B 331 28.33 1.42 15.20
C MET B 331 26.89 1.81 14.93
N ALA B 332 26.21 1.09 14.05
CA ALA B 332 24.87 1.47 13.62
C ALA B 332 24.16 0.26 13.03
N VAL B 333 22.92 0.48 12.59
CA VAL B 333 22.15 -0.52 11.85
C VAL B 333 21.54 0.16 10.62
N ALA B 334 21.22 -0.65 9.62
CA ALA B 334 20.56 -0.19 8.41
C ALA B 334 19.25 -0.94 8.23
N THR B 335 18.27 -0.25 7.66
CA THR B 335 16.92 -0.80 7.51
C THR B 335 16.30 -0.28 6.22
N GLY B 336 15.65 -1.18 5.47
CA GLY B 336 15.00 -0.81 4.23
C GLY B 336 13.63 -1.45 4.06
N SER B 337 12.67 -0.67 3.61
CA SER B 337 11.26 -1.05 3.51
C SER B 337 10.76 -0.89 2.08
N TRP B 338 9.48 -1.21 1.87
CA TRP B 338 8.89 -1.23 0.55
C TRP B 338 8.48 0.17 0.10
N ASP B 339 9.37 1.15 0.25
CA ASP B 339 9.08 2.50 -0.22
C ASP B 339 10.31 3.17 -0.83
N SER B 340 11.31 2.39 -1.24
CA SER B 340 12.48 2.87 -1.98
C SER B 340 13.38 3.79 -1.15
N PHE B 341 13.40 3.61 0.17
CA PHE B 341 14.25 4.39 1.05
C PHE B 341 15.08 3.46 1.93
N LEU B 342 16.22 3.95 2.39
CA LEU B 342 17.07 3.24 3.34
C LEU B 342 17.40 4.17 4.50
N LYS B 343 17.12 3.71 5.72
CA LYS B 343 17.31 4.50 6.92
C LYS B 343 18.38 3.87 7.81
N ILE B 344 19.28 4.69 8.32
CA ILE B 344 20.40 4.24 9.13
C ILE B 344 20.24 4.78 10.54
N TRP B 345 20.24 3.89 11.53
CA TRP B 345 20.01 4.24 12.92
C TRP B 345 21.27 4.02 13.74
N ASN B 346 21.49 4.89 14.73
CA ASN B 346 22.61 4.72 15.65
C ASN B 346 22.14 4.89 17.08
N THR C 6 10.46 -48.11 -4.94
CA THR C 6 11.88 -48.17 -4.60
C THR C 6 12.38 -46.81 -4.12
N ALA C 7 12.07 -45.76 -4.87
CA ALA C 7 12.49 -44.42 -4.49
C ALA C 7 11.83 -43.97 -3.19
N SER C 8 10.54 -44.27 -3.03
CA SER C 8 9.85 -43.90 -1.79
C SER C 8 10.42 -44.64 -0.60
N ILE C 9 10.72 -45.94 -0.76
CA ILE C 9 11.30 -46.71 0.33
C ILE C 9 12.66 -46.16 0.70
N ALA C 10 13.49 -45.82 -0.28
CA ALA C 10 14.80 -45.26 0.00
C ALA C 10 14.68 -43.91 0.70
N GLN C 11 13.75 -43.07 0.26
CA GLN C 11 13.55 -41.78 0.91
C GLN C 11 13.10 -41.94 2.36
N ALA C 12 12.17 -42.88 2.60
CA ALA C 12 11.73 -43.14 3.97
C ALA C 12 12.88 -43.66 4.83
N ARG C 13 13.70 -44.56 4.28
CA ARG C 13 14.84 -45.07 5.02
C ARG C 13 15.83 -43.97 5.36
N LYS C 14 16.10 -43.07 4.41
CA LYS C 14 17.00 -41.95 4.68
C LYS C 14 16.42 -41.03 5.76
N LEU C 15 15.11 -40.76 5.68
CA LEU C 15 14.48 -39.89 6.68
C LEU C 15 14.54 -40.49 8.07
N VAL C 16 14.24 -41.79 8.19
CA VAL C 16 14.27 -42.41 9.51
C VAL C 16 15.70 -42.56 10.01
N GLU C 17 16.67 -42.75 9.12
CA GLU C 17 18.07 -42.76 9.54
C GLU C 17 18.48 -41.40 10.07
N GLN C 18 18.06 -40.32 9.40
CA GLN C 18 18.34 -38.97 9.90
C GLN C 18 17.68 -38.75 11.25
N LEU C 19 16.45 -39.23 11.42
CA LEU C 19 15.78 -39.13 12.72
C LEU C 19 16.54 -39.88 13.80
N LYS C 20 17.05 -41.07 13.48
CA LYS C 20 17.83 -41.84 14.44
C LYS C 20 19.12 -41.12 14.83
N MET C 21 19.81 -40.54 13.84
CA MET C 21 21.02 -39.77 14.15
C MET C 21 20.69 -38.55 15.02
N GLU C 22 19.57 -37.88 14.74
CA GLU C 22 19.17 -36.74 15.56
C GLU C 22 18.87 -37.18 16.99
N ALA C 23 18.20 -38.32 17.16
CA ALA C 23 17.85 -38.79 18.50
C ALA C 23 19.11 -39.14 19.30
N ASN C 24 20.08 -39.79 18.67
CA ASN C 24 21.30 -40.22 19.35
C ASN C 24 22.34 -39.10 19.28
N ILE C 25 22.05 -38.03 20.02
CA ILE C 25 22.93 -36.86 20.10
C ILE C 25 23.16 -36.53 21.56
N ASP C 26 24.42 -36.42 21.97
CA ASP C 26 24.76 -36.03 23.33
C ASP C 26 24.52 -34.53 23.49
N ARG C 27 23.66 -34.17 24.44
CA ARG C 27 23.26 -32.79 24.65
C ARG C 27 23.59 -32.35 26.06
N ILE C 28 24.11 -31.14 26.18
CA ILE C 28 24.42 -30.53 27.47
C ILE C 28 23.18 -29.79 27.95
N LYS C 29 22.90 -29.90 29.26
CA LYS C 29 21.70 -29.32 29.84
C LYS C 29 21.65 -27.81 29.57
N VAL C 30 20.42 -27.27 29.63
CA VAL C 30 20.18 -25.89 29.23
C VAL C 30 20.87 -24.92 30.19
N SER C 31 21.10 -25.33 31.44
CA SER C 31 21.67 -24.41 32.41
C SER C 31 23.07 -23.97 32.02
N LYS C 32 23.89 -24.90 31.52
CA LYS C 32 25.23 -24.53 31.09
C LYS C 32 25.18 -23.58 29.89
N ALA C 33 24.24 -23.80 28.97
CA ALA C 33 24.11 -22.90 27.82
C ALA C 33 23.71 -21.50 28.26
N ALA C 34 22.76 -21.40 29.20
CA ALA C 34 22.38 -20.09 29.72
C ALA C 34 23.54 -19.42 30.43
N ALA C 35 24.32 -20.19 31.19
CA ALA C 35 25.51 -19.63 31.84
C ALA C 35 26.50 -19.12 30.80
N ASP C 36 26.68 -19.85 29.70
CA ASP C 36 27.58 -19.41 28.65
C ASP C 36 27.08 -18.11 28.01
N LEU C 37 25.77 -18.00 27.81
CA LEU C 37 25.22 -16.77 27.25
C LEU C 37 25.47 -15.59 28.18
N MET C 38 25.23 -15.76 29.48
CA MET C 38 25.55 -14.71 30.43
C MET C 38 27.03 -14.37 30.41
N ALA C 39 27.88 -15.38 30.28
CA ALA C 39 29.32 -15.14 30.24
C ALA C 39 29.70 -14.27 29.04
N TYR C 40 29.16 -14.59 27.86
CA TYR C 40 29.49 -13.79 26.68
C TYR C 40 28.94 -12.37 26.82
N CYS C 41 27.73 -12.23 27.35
CA CYS C 41 27.16 -10.90 27.53
C CYS C 41 27.99 -10.06 28.48
N GLU C 42 28.36 -10.62 29.63
CA GLU C 42 29.15 -9.86 30.59
C GLU C 42 30.56 -9.60 30.08
N ALA C 43 31.07 -10.46 29.20
CA ALA C 43 32.41 -10.26 28.66
C ALA C 43 32.44 -9.16 27.61
N HIS C 44 31.38 -9.04 26.80
CA HIS C 44 31.42 -8.13 25.66
C HIS C 44 30.47 -6.95 25.78
N ALA C 45 29.82 -6.76 26.94
CA ALA C 45 28.91 -5.62 27.09
C ALA C 45 29.63 -4.29 26.94
N LYS C 46 30.88 -4.21 27.41
CA LYS C 46 31.58 -2.93 27.44
C LYS C 46 31.99 -2.44 26.05
N GLU C 47 32.11 -3.33 25.07
CA GLU C 47 32.58 -2.95 23.75
C GLU C 47 31.46 -2.69 22.75
N ASP C 48 30.19 -2.74 23.18
CA ASP C 48 29.07 -2.59 22.27
C ASP C 48 28.59 -1.15 22.27
N PRO C 49 28.80 -0.39 21.19
CA PRO C 49 28.36 1.01 21.18
C PRO C 49 26.84 1.18 21.25
N LEU C 50 26.07 0.26 20.68
CA LEU C 50 24.62 0.41 20.69
C LEU C 50 24.00 -0.05 22.00
N LEU C 51 24.73 -0.81 22.81
CA LEU C 51 24.18 -1.25 24.09
C LEU C 51 24.03 -0.09 25.07
N THR C 52 25.05 0.76 25.16
CA THR C 52 25.06 1.90 26.05
C THR C 52 25.29 3.17 25.27
N PRO C 53 24.65 4.27 25.65
CA PRO C 53 24.84 5.53 24.92
C PRO C 53 26.29 5.98 24.92
N VAL C 54 26.91 5.97 23.75
CA VAL C 54 28.33 6.29 23.58
C VAL C 54 28.52 7.80 23.66
N PRO C 55 29.72 8.29 23.98
CA PRO C 55 29.96 9.73 23.93
C PRO C 55 29.74 10.28 22.53
N ALA C 56 29.17 11.48 22.47
CA ALA C 56 28.83 12.09 21.18
C ALA C 56 30.05 12.43 20.34
N SER C 57 31.25 12.41 20.92
CA SER C 57 32.47 12.72 20.19
C SER C 57 33.06 11.50 19.48
N GLU C 58 32.48 10.32 19.65
CA GLU C 58 32.99 9.10 19.04
C GLU C 58 32.13 8.58 17.90
N ASN C 59 30.82 8.81 17.95
CA ASN C 59 29.93 8.30 16.91
C ASN C 59 30.26 8.95 15.57
N PRO C 60 30.61 8.19 14.55
CA PRO C 60 30.91 8.78 13.24
C PRO C 60 29.68 9.21 12.46
N PHE C 61 28.49 8.99 12.99
CA PHE C 61 27.24 9.30 12.30
C PHE C 61 26.58 10.57 12.83
N ARG C 62 27.26 11.32 13.70
CA ARG C 62 26.72 12.56 14.22
C ARG C 62 27.81 13.61 14.35
N GLN D 24 5.94 -30.00 17.05
CA GLN D 24 5.68 -30.25 15.64
C GLN D 24 4.19 -30.10 15.31
N VAL D 25 3.84 -30.36 14.06
CA VAL D 25 2.48 -30.22 13.55
C VAL D 25 1.98 -31.58 13.11
N GLN D 26 0.79 -31.95 13.55
CA GLN D 26 0.25 -33.28 13.22
C GLN D 26 -1.25 -33.19 12.97
N LEU D 27 -1.71 -33.92 11.95
CA LEU D 27 -3.12 -34.08 11.65
C LEU D 27 -3.37 -35.52 11.24
N GLN D 28 -4.30 -36.19 11.93
CA GLN D 28 -4.58 -37.60 11.70
C GLN D 28 -6.08 -37.79 11.48
N GLU D 29 -6.43 -38.53 10.43
CA GLU D 29 -7.82 -38.75 10.08
C GLU D 29 -8.35 -40.05 10.70
N SER D 30 -9.66 -40.18 10.72
CA SER D 30 -10.33 -41.34 11.30
C SER D 30 -11.63 -41.57 10.54
N GLY D 31 -11.79 -42.80 10.04
CA GLY D 31 -12.90 -43.18 9.20
C GLY D 31 -12.44 -44.00 8.01
N GLY D 32 -13.36 -44.36 7.13
CA GLY D 32 -13.01 -45.10 5.93
C GLY D 32 -13.39 -46.57 6.01
N GLY D 33 -13.82 -47.12 4.88
CA GLY D 33 -14.17 -48.52 4.82
C GLY D 33 -15.10 -48.79 3.65
N LEU D 34 -15.50 -50.06 3.56
CA LEU D 34 -16.43 -50.49 2.52
C LEU D 34 -17.82 -49.95 2.83
N VAL D 35 -18.48 -49.39 1.80
CA VAL D 35 -19.78 -48.77 1.95
C VAL D 35 -20.74 -49.39 0.94
N GLN D 36 -21.91 -49.80 1.41
CA GLN D 36 -22.98 -50.20 0.52
C GLN D 36 -23.58 -48.94 -0.13
N PRO D 37 -24.21 -49.10 -1.30
CA PRO D 37 -24.82 -47.93 -1.95
C PRO D 37 -25.89 -47.30 -1.05
N GLY D 38 -25.97 -45.97 -1.11
CA GLY D 38 -26.89 -45.25 -0.27
C GLY D 38 -26.60 -45.37 1.21
N GLY D 39 -25.33 -45.35 1.59
CA GLY D 39 -24.93 -45.49 2.97
C GLY D 39 -24.73 -44.14 3.66
N SER D 40 -24.10 -44.21 4.84
CA SER D 40 -23.84 -43.00 5.62
C SER D 40 -22.60 -43.23 6.48
N LEU D 41 -21.72 -42.23 6.51
CA LEU D 41 -20.50 -42.29 7.31
C LEU D 41 -20.16 -40.90 7.83
N ARG D 42 -19.10 -40.84 8.64
CA ARG D 42 -18.56 -39.59 9.12
C ARG D 42 -17.05 -39.72 9.21
N LEU D 43 -16.34 -38.73 8.68
CA LEU D 43 -14.88 -38.72 8.65
C LEU D 43 -14.38 -37.56 9.50
N SER D 44 -13.49 -37.87 10.45
CA SER D 44 -13.05 -36.87 11.42
C SER D 44 -11.54 -36.79 11.44
N CYS D 45 -10.99 -35.60 11.22
CA CYS D 45 -9.55 -35.37 11.30
C CYS D 45 -9.25 -34.55 12.55
N ALA D 46 -8.37 -35.09 13.40
CA ALA D 46 -7.91 -34.40 14.59
C ALA D 46 -6.54 -33.79 14.35
N ALA D 47 -6.26 -32.69 15.03
CA ALA D 47 -5.02 -31.96 14.82
C ALA D 47 -4.41 -31.59 16.16
N SER D 48 -3.08 -31.44 16.15
CA SER D 48 -2.34 -31.05 17.33
C SER D 48 -1.06 -30.34 16.91
N GLY D 49 -0.74 -29.27 17.61
CA GLY D 49 0.51 -28.56 17.39
C GLY D 49 0.36 -27.09 17.04
N PHE D 50 -0.86 -26.56 17.09
CA PHE D 50 -1.07 -25.16 16.78
C PHE D 50 -2.36 -24.71 17.44
N THR D 51 -2.57 -23.40 17.47
CA THR D 51 -3.81 -22.83 18.01
C THR D 51 -4.91 -23.02 16.97
N PHE D 52 -5.91 -23.84 17.31
CA PHE D 52 -6.90 -24.28 16.35
C PHE D 52 -7.88 -23.20 15.93
N SER D 53 -7.97 -22.09 16.68
CA SER D 53 -9.00 -21.09 16.45
C SER D 53 -8.52 -19.92 15.61
N ASN D 54 -7.55 -20.16 14.74
CA ASN D 54 -7.03 -19.10 13.88
C ASN D 54 -6.80 -19.57 12.45
N TYR D 55 -7.25 -20.77 12.09
CA TYR D 55 -6.90 -21.38 10.82
C TYR D 55 -8.15 -21.78 10.05
N LYS D 56 -8.12 -21.53 8.73
CA LYS D 56 -9.17 -21.95 7.82
C LYS D 56 -8.77 -23.29 7.21
N MET D 57 -9.66 -24.28 7.31
CA MET D 57 -9.36 -25.64 6.88
C MET D 57 -10.48 -26.16 5.99
N ASN D 58 -10.19 -27.23 5.25
CA ASN D 58 -11.12 -27.75 4.26
C ASN D 58 -10.83 -29.24 4.05
N TRP D 59 -11.39 -29.80 2.97
CA TRP D 59 -11.24 -31.22 2.65
C TRP D 59 -10.74 -31.36 1.22
N VAL D 60 -10.04 -32.46 0.94
CA VAL D 60 -9.49 -32.72 -0.38
C VAL D 60 -9.71 -34.19 -0.73
N ARG D 61 -10.03 -34.48 -1.98
CA ARG D 61 -10.33 -35.82 -2.44
C ARG D 61 -9.41 -36.22 -3.58
N GLN D 62 -9.18 -37.52 -3.72
CA GLN D 62 -8.44 -38.05 -4.85
C GLN D 62 -9.02 -39.41 -5.22
N ALA D 63 -9.68 -39.48 -6.37
CA ALA D 63 -10.23 -40.69 -6.95
C ALA D 63 -9.22 -41.34 -7.88
N PRO D 64 -9.23 -42.67 -8.00
CA PRO D 64 -8.24 -43.34 -8.82
C PRO D 64 -8.31 -42.89 -10.27
N GLY D 65 -7.14 -42.74 -10.89
CA GLY D 65 -7.04 -42.32 -12.27
C GLY D 65 -7.11 -40.83 -12.51
N LYS D 66 -7.23 -40.02 -11.45
CA LYS D 66 -7.36 -38.58 -11.60
C LYS D 66 -6.49 -37.89 -10.55
N GLY D 67 -6.45 -36.56 -10.62
CA GLY D 67 -5.73 -35.75 -9.67
C GLY D 67 -6.56 -35.39 -8.45
N LEU D 68 -6.07 -34.40 -7.70
CA LEU D 68 -6.76 -33.97 -6.49
C LEU D 68 -7.92 -33.04 -6.83
N GLU D 69 -8.87 -32.95 -5.90
CA GLU D 69 -10.03 -32.09 -6.08
C GLU D 69 -10.50 -31.57 -4.73
N TRP D 70 -11.28 -30.49 -4.79
CA TRP D 70 -11.81 -29.81 -3.61
C TRP D 70 -13.27 -30.22 -3.39
N VAL D 71 -13.68 -30.24 -2.12
CA VAL D 71 -15.05 -30.64 -1.79
C VAL D 71 -15.78 -29.57 -0.99
N SER D 72 -15.28 -29.23 0.20
CA SER D 72 -16.01 -28.29 1.04
C SER D 72 -15.05 -27.62 2.02
N ASP D 73 -15.50 -26.49 2.58
CA ASP D 73 -14.63 -25.69 3.43
C ASP D 73 -15.41 -24.86 4.43
N ILE D 74 -14.76 -24.59 5.58
CA ILE D 74 -15.28 -23.82 6.70
C ILE D 74 -14.37 -22.62 6.93
N SER D 75 -14.90 -21.62 7.61
CA SER D 75 -14.19 -20.39 7.89
C SER D 75 -13.65 -20.41 9.33
N GLN D 76 -13.13 -19.27 9.79
CA GLN D 76 -12.41 -19.22 11.05
C GLN D 76 -13.32 -19.49 12.25
N SER D 77 -14.47 -18.79 12.30
CA SER D 77 -15.36 -18.87 13.46
C SER D 77 -16.51 -19.85 13.27
N GLY D 78 -16.45 -20.68 12.22
CA GLY D 78 -17.58 -21.55 11.94
C GLY D 78 -18.82 -20.82 11.51
N ALA D 79 -18.68 -19.78 10.69
CA ALA D 79 -19.81 -18.98 10.23
C ALA D 79 -20.08 -19.18 8.74
N SER D 80 -19.08 -18.98 7.89
CA SER D 80 -19.23 -19.17 6.45
C SER D 80 -18.89 -20.60 6.09
N ILE D 81 -19.74 -21.22 5.28
CA ILE D 81 -19.55 -22.59 4.80
C ILE D 81 -19.66 -22.57 3.29
N SER D 82 -18.94 -23.48 2.63
CA SER D 82 -19.13 -23.61 1.19
C SER D 82 -18.85 -25.04 0.76
N TYR D 83 -19.52 -25.44 -0.33
CA TYR D 83 -19.35 -26.78 -0.89
C TYR D 83 -19.09 -26.70 -2.38
N THR D 84 -19.09 -27.85 -3.06
CA THR D 84 -18.97 -27.93 -4.50
C THR D 84 -20.25 -28.49 -5.10
N GLY D 85 -20.49 -28.16 -6.37
CA GLY D 85 -21.76 -28.49 -6.99
C GLY D 85 -22.02 -29.97 -7.10
N SER D 86 -20.97 -30.78 -7.31
CA SER D 86 -21.16 -32.21 -7.46
C SER D 86 -21.83 -32.82 -6.24
N VAL D 87 -21.58 -32.27 -5.06
CA VAL D 87 -22.23 -32.70 -3.83
C VAL D 87 -22.79 -31.44 -3.17
N LYS D 88 -24.05 -31.12 -3.49
CA LYS D 88 -24.69 -29.94 -2.96
C LYS D 88 -25.80 -30.25 -1.97
N GLY D 89 -26.30 -31.48 -1.95
CA GLY D 89 -27.35 -31.83 -1.01
C GLY D 89 -27.14 -33.17 -0.32
N ARG D 90 -25.87 -33.56 -0.12
CA ARG D 90 -25.57 -34.84 0.51
C ARG D 90 -24.50 -34.77 1.59
N PHE D 91 -23.75 -33.68 1.70
CA PHE D 91 -22.62 -33.58 2.61
C PHE D 91 -22.87 -32.48 3.63
N THR D 92 -22.38 -32.68 4.86
CA THR D 92 -22.45 -31.64 5.89
C THR D 92 -21.13 -31.60 6.65
N ILE D 93 -20.45 -30.46 6.63
CA ILE D 93 -19.14 -30.29 7.25
C ILE D 93 -19.25 -29.36 8.46
N SER D 94 -18.44 -29.63 9.47
CA SER D 94 -18.53 -28.88 10.73
C SER D 94 -17.25 -29.04 11.53
N ARG D 95 -16.82 -27.96 12.18
CA ARG D 95 -15.61 -27.95 12.98
C ARG D 95 -15.95 -28.09 14.46
N ASP D 96 -14.91 -28.33 15.27
CA ASP D 96 -15.03 -28.39 16.72
C ASP D 96 -13.78 -27.76 17.32
N ASN D 97 -13.90 -26.49 17.72
CA ASN D 97 -12.76 -25.77 18.29
C ASN D 97 -12.48 -26.21 19.72
N ALA D 98 -13.50 -26.64 20.44
CA ALA D 98 -13.29 -27.11 21.81
C ALA D 98 -12.47 -28.40 21.82
N LYS D 99 -12.85 -29.37 20.98
CA LYS D 99 -12.15 -30.64 20.91
C LYS D 99 -11.06 -30.67 19.84
N ASN D 100 -10.88 -29.57 19.11
CA ASN D 100 -9.83 -29.46 18.10
C ASN D 100 -9.93 -30.56 17.06
N THR D 101 -11.08 -30.62 16.39
CA THR D 101 -11.33 -31.63 15.38
C THR D 101 -12.13 -31.03 14.22
N LEU D 102 -12.12 -31.73 13.09
CA LEU D 102 -12.92 -31.36 11.93
C LEU D 102 -13.69 -32.58 11.45
N TYR D 103 -14.95 -32.38 11.07
CA TYR D 103 -15.84 -33.48 10.71
C TYR D 103 -16.50 -33.21 9.36
N LEU D 104 -16.61 -34.27 8.56
CA LEU D 104 -17.42 -34.27 7.35
C LEU D 104 -18.37 -35.45 7.41
N GLN D 105 -19.67 -35.19 7.28
CA GLN D 105 -20.71 -36.20 7.39
C GLN D 105 -21.27 -36.48 6.00
N MET D 106 -21.31 -37.76 5.65
CA MET D 106 -21.68 -38.23 4.32
C MET D 106 -22.97 -39.03 4.45
N ASN D 107 -24.01 -38.62 3.72
CA ASN D 107 -25.28 -39.32 3.71
C ASN D 107 -25.77 -39.44 2.27
N SER D 108 -26.43 -40.56 1.98
CA SER D 108 -26.98 -40.85 0.65
C SER D 108 -25.87 -40.82 -0.41
N LEU D 109 -24.95 -41.77 -0.26
CA LEU D 109 -23.75 -41.81 -1.09
C LEU D 109 -24.10 -42.20 -2.53
N LYS D 110 -23.07 -42.29 -3.36
CA LYS D 110 -23.20 -42.55 -4.78
C LYS D 110 -22.06 -43.46 -5.23
N PRO D 111 -22.32 -44.38 -6.16
CA PRO D 111 -21.24 -45.29 -6.61
C PRO D 111 -20.07 -44.58 -7.26
N GLU D 112 -20.25 -43.33 -7.72
CA GLU D 112 -19.17 -42.61 -8.39
C GLU D 112 -18.10 -42.12 -7.43
N ASP D 113 -18.29 -42.27 -6.12
CA ASP D 113 -17.35 -41.76 -5.11
C ASP D 113 -16.70 -42.94 -4.41
N THR D 114 -15.40 -43.10 -4.65
CA THR D 114 -14.58 -44.10 -3.94
C THR D 114 -13.15 -43.59 -4.07
N ALA D 115 -12.58 -43.09 -2.98
CA ALA D 115 -11.40 -42.24 -3.12
C ALA D 115 -10.65 -42.16 -1.81
N VAL D 116 -9.51 -41.47 -1.86
CA VAL D 116 -8.67 -41.18 -0.69
C VAL D 116 -8.94 -39.75 -0.28
N TYR D 117 -9.18 -39.55 1.02
CA TYR D 117 -9.61 -38.28 1.58
C TYR D 117 -8.52 -37.71 2.46
N TYR D 118 -8.25 -36.41 2.30
CA TYR D 118 -7.22 -35.70 3.03
C TYR D 118 -7.81 -34.48 3.73
N CYS D 119 -7.28 -34.17 4.91
CA CYS D 119 -7.73 -33.07 5.75
C CYS D 119 -6.67 -31.97 5.65
N ALA D 120 -6.94 -30.98 4.82
CA ALA D 120 -5.94 -29.98 4.46
C ALA D 120 -5.91 -28.85 5.49
N ARG D 121 -5.18 -27.78 5.18
CA ARG D 121 -4.89 -26.72 6.14
C ARG D 121 -4.37 -25.49 5.43
N CYS D 122 -4.95 -24.37 5.69
CA CYS D 122 -4.43 -23.23 4.94
C CYS D 122 -3.28 -22.57 5.69
N PRO D 123 -2.27 -22.10 4.98
CA PRO D 123 -1.00 -21.74 5.64
C PRO D 123 -1.07 -20.57 6.62
N ALA D 124 -1.51 -19.41 6.15
CA ALA D 124 -1.31 -18.19 6.92
C ALA D 124 -2.43 -18.01 7.94
N PRO D 125 -2.10 -17.80 9.21
CA PRO D 125 -3.13 -17.47 10.19
C PRO D 125 -3.70 -16.08 9.95
N PHE D 126 -4.95 -15.90 10.37
CA PHE D 126 -5.64 -14.61 10.30
C PHE D 126 -5.69 -14.07 8.88
N THR D 127 -6.28 -14.88 7.99
CA THR D 127 -6.42 -14.49 6.59
C THR D 127 -7.63 -15.17 5.99
N ARG D 128 -8.11 -14.62 4.87
CA ARG D 128 -9.34 -15.06 4.24
C ARG D 128 -9.12 -15.74 2.89
N ASP D 129 -7.91 -16.28 2.66
CA ASP D 129 -7.63 -17.02 1.45
C ASP D 129 -6.48 -17.97 1.71
N CYS D 130 -6.35 -18.99 0.85
CA CYS D 130 -5.20 -19.88 0.94
C CYS D 130 -4.99 -20.55 -0.40
N PHE D 131 -3.75 -20.50 -0.89
CA PHE D 131 -3.35 -21.17 -2.10
C PHE D 131 -2.86 -22.58 -1.80
N ASP D 132 -2.65 -23.35 -2.88
CA ASP D 132 -1.87 -24.58 -2.84
C ASP D 132 -2.43 -25.61 -1.86
N VAL D 133 -3.75 -25.59 -1.62
CA VAL D 133 -4.33 -26.62 -0.78
C VAL D 133 -4.27 -27.97 -1.47
N THR D 134 -4.46 -27.99 -2.79
CA THR D 134 -4.31 -29.19 -3.61
C THR D 134 -2.97 -29.09 -4.30
N SER D 135 -2.01 -29.95 -3.90
CA SER D 135 -0.70 -29.94 -4.53
C SER D 135 -0.07 -31.31 -4.38
N THR D 136 0.95 -31.56 -5.21
CA THR D 136 1.65 -32.83 -5.17
C THR D 136 2.33 -33.03 -3.83
N THR D 137 2.99 -31.99 -3.31
CA THR D 137 3.56 -32.00 -1.97
C THR D 137 3.31 -30.64 -1.34
N TYR D 138 2.72 -30.64 -0.16
CA TYR D 138 2.32 -29.42 0.53
C TYR D 138 2.94 -29.27 1.92
N ALA D 139 3.03 -30.37 2.66
CA ALA D 139 3.67 -30.53 3.98
C ALA D 139 2.83 -30.01 5.14
N TYR D 140 1.58 -29.60 4.93
CA TYR D 140 0.63 -29.39 6.02
C TYR D 140 -0.57 -30.31 5.91
N ARG D 141 -0.47 -31.34 5.07
CA ARG D 141 -1.57 -32.22 4.74
C ARG D 141 -1.47 -33.52 5.53
N GLY D 142 -2.59 -33.98 6.05
CA GLY D 142 -2.61 -35.26 6.72
C GLY D 142 -2.39 -36.41 5.77
N GLN D 143 -2.23 -37.61 6.35
CA GLN D 143 -2.01 -38.80 5.53
C GLN D 143 -3.27 -39.18 4.75
N GLY D 144 -4.43 -39.12 5.40
CA GLY D 144 -5.69 -39.39 4.74
C GLY D 144 -6.16 -40.83 4.93
N THR D 145 -7.41 -41.06 4.55
CA THR D 145 -8.02 -42.38 4.59
C THR D 145 -8.49 -42.78 3.20
N GLN D 146 -8.96 -44.01 3.05
CA GLN D 146 -9.44 -44.50 1.76
C GLN D 146 -10.81 -45.13 1.96
N VAL D 147 -11.79 -44.72 1.15
CA VAL D 147 -13.15 -45.20 1.24
C VAL D 147 -13.54 -45.83 -0.08
N THR D 148 -14.25 -46.96 0.01
CA THR D 148 -14.72 -47.72 -1.15
C THR D 148 -16.23 -47.82 -1.11
N VAL D 149 -16.87 -47.59 -2.25
CA VAL D 149 -18.31 -47.68 -2.36
C VAL D 149 -18.69 -48.63 -3.49
N ASN E 327 -26.71 72.04 -0.76
CA ASN E 327 -27.99 71.35 -0.86
C ASN E 327 -28.27 70.53 0.39
N TYR E 328 -29.52 70.13 0.58
CA TYR E 328 -29.89 69.25 1.67
C TYR E 328 -31.10 68.42 1.27
N CYS E 329 -31.28 67.32 1.98
CA CYS E 329 -32.32 66.35 1.68
C CYS E 329 -33.49 66.50 2.65
N PRO E 330 -34.73 66.54 2.16
CA PRO E 330 -35.87 66.69 3.07
C PRO E 330 -35.98 65.57 4.09
N GLN E 331 -35.66 64.34 3.69
CA GLN E 331 -35.65 63.20 4.60
C GLN E 331 -34.28 62.54 4.54
N GLN E 332 -33.68 62.32 5.71
CA GLN E 332 -32.30 61.84 5.78
C GLN E 332 -32.30 60.33 5.99
N THR E 333 -31.37 59.66 5.32
CA THR E 333 -31.42 58.20 5.19
C THR E 333 -31.05 57.51 6.50
N LYS E 334 -31.53 56.28 6.65
CA LYS E 334 -31.35 55.55 7.89
C LYS E 334 -31.30 54.05 7.58
N ILE E 335 -31.02 53.27 8.61
CA ILE E 335 -31.10 51.81 8.59
C ILE E 335 -32.07 51.40 9.69
N THR E 336 -33.03 50.55 9.34
CA THR E 336 -34.04 50.13 10.31
C THR E 336 -33.46 49.15 11.32
N SER E 337 -34.05 49.15 12.52
CA SER E 337 -33.54 48.29 13.60
C SER E 337 -33.82 46.83 13.32
N ALA E 338 -34.97 46.52 12.73
CA ALA E 338 -35.30 45.13 12.42
C ALA E 338 -34.29 44.53 11.46
N PHE E 339 -33.87 45.29 10.44
CA PHE E 339 -32.86 44.79 9.51
C PHE E 339 -31.54 44.57 10.23
N LYS E 340 -31.20 45.48 11.15
CA LYS E 340 -29.96 45.31 11.90
C LYS E 340 -29.98 44.02 12.70
N TYR E 341 -31.09 43.75 13.38
CA TYR E 341 -31.19 42.54 14.18
C TYR E 341 -31.14 41.29 13.30
N ILE E 342 -31.84 41.32 12.15
CA ILE E 342 -31.88 40.15 11.27
C ILE E 342 -30.48 39.86 10.71
N ASN E 343 -29.80 40.90 10.22
CA ASN E 343 -28.47 40.71 9.68
C ASN E 343 -27.49 40.27 10.76
N THR E 344 -27.61 40.84 11.96
CA THR E 344 -26.71 40.45 13.05
C THR E 344 -26.90 38.99 13.42
N VAL E 345 -28.16 38.53 13.50
CA VAL E 345 -28.39 37.15 13.90
C VAL E 345 -27.94 36.19 12.80
N ILE E 346 -28.15 36.58 11.53
CA ILE E 346 -27.67 35.74 10.43
C ILE E 346 -26.15 35.63 10.46
N SER E 347 -25.46 36.75 10.68
CA SER E 347 -24.01 36.73 10.75
C SER E 347 -23.52 35.91 11.94
N CYS E 348 -24.20 36.02 13.07
CA CYS E 348 -23.82 35.24 14.24
C CYS E 348 -23.98 33.76 13.98
N THR E 349 -25.05 33.38 13.27
CA THR E 349 -25.23 31.98 12.91
C THR E 349 -24.13 31.50 11.96
N ILE E 350 -23.74 32.34 11.00
CA ILE E 350 -22.82 31.88 9.96
C ILE E 350 -21.36 31.89 10.42
N PHE E 351 -21.02 32.73 11.39
CA PHE E 351 -19.63 32.89 11.80
C PHE E 351 -19.07 31.59 12.38
N ILE E 352 -19.83 30.95 13.28
CA ILE E 352 -19.30 29.77 13.97
C ILE E 352 -19.14 28.61 12.99
N VAL E 353 -20.07 28.46 12.05
CA VAL E 353 -19.95 27.41 11.05
C VAL E 353 -18.74 27.64 10.17
N GLY E 354 -18.55 28.89 9.71
CA GLY E 354 -17.36 29.20 8.91
C GLY E 354 -16.07 28.91 9.66
N MET E 355 -16.03 29.24 10.94
CA MET E 355 -14.88 28.91 11.77
C MET E 355 -14.66 27.41 11.84
N VAL E 356 -15.70 26.68 12.23
CA VAL E 356 -15.54 25.29 12.66
C VAL E 356 -15.23 24.39 11.47
N GLY E 357 -15.98 24.54 10.38
CA GLY E 357 -15.77 23.66 9.24
C GLY E 357 -14.36 23.79 8.69
N ASN E 358 -13.90 25.03 8.54
CA ASN E 358 -12.59 25.26 7.95
C ASN E 358 -11.48 24.79 8.89
N ALA E 359 -11.63 25.05 10.21
CA ALA E 359 -10.62 24.57 11.15
C ALA E 359 -10.54 23.06 11.15
N THR E 360 -11.71 22.40 11.14
CA THR E 360 -11.73 20.94 11.12
C THR E 360 -11.06 20.40 9.86
N LEU E 361 -11.35 21.01 8.71
CA LEU E 361 -10.69 20.58 7.48
C LEU E 361 -9.19 20.76 7.56
N LEU E 362 -8.73 21.89 8.09
CA LEU E 362 -7.30 22.15 8.15
C LEU E 362 -6.58 21.19 9.09
N ARG E 363 -7.24 20.79 10.18
CA ARG E 363 -6.58 19.94 11.17
C ARG E 363 -6.13 18.61 10.55
N ILE E 364 -7.02 17.98 9.76
CA ILE E 364 -6.77 16.61 9.32
C ILE E 364 -5.61 16.56 8.33
N ILE E 365 -5.49 17.58 7.47
CA ILE E 365 -4.48 17.54 6.42
C ILE E 365 -3.07 17.48 7.02
N TYR E 366 -2.81 18.30 8.03
CA TYR E 366 -1.47 18.34 8.61
C TYR E 366 -1.30 17.35 9.76
N GLN E 367 -2.39 16.93 10.40
CA GLN E 367 -2.28 15.97 11.48
C GLN E 367 -1.85 14.60 10.97
N ASN E 368 -2.52 14.11 9.93
CA ASN E 368 -2.27 12.75 9.46
C ASN E 368 -1.02 12.73 8.58
N LYS E 369 -0.13 11.78 8.86
CA LYS E 369 1.11 11.69 8.10
C LYS E 369 0.86 11.15 6.68
N CYS E 370 0.06 10.10 6.56
CA CYS E 370 -0.15 9.44 5.28
C CYS E 370 -1.05 10.22 4.34
N MET E 371 -1.72 11.27 4.81
CA MET E 371 -2.74 11.92 4.02
C MET E 371 -2.17 12.94 3.03
N ARG E 372 -0.94 13.41 3.25
CA ARG E 372 -0.43 14.56 2.50
C ARG E 372 0.00 14.16 1.09
N ASN E 373 -0.48 14.88 0.09
CA ASN E 373 -0.06 14.73 -1.30
C ASN E 373 -0.36 16.03 -2.03
N GLY E 374 -0.36 15.97 -3.36
CA GLY E 374 -0.66 17.11 -4.20
C GLY E 374 -1.97 17.81 -3.88
N PRO E 375 -3.10 17.11 -4.05
CA PRO E 375 -4.40 17.77 -3.91
C PRO E 375 -4.64 18.38 -2.53
N ASN E 376 -4.11 17.75 -1.48
CA ASN E 376 -4.28 18.29 -0.14
C ASN E 376 -3.63 19.66 0.00
N ALA E 377 -2.54 19.90 -0.74
CA ALA E 377 -1.89 21.21 -0.68
C ALA E 377 -2.82 22.31 -1.18
N LEU E 378 -3.46 22.08 -2.33
CA LEU E 378 -4.39 23.08 -2.87
C LEU E 378 -5.60 23.23 -1.96
N ILE E 379 -6.12 22.13 -1.44
CA ILE E 379 -7.27 22.21 -0.53
C ILE E 379 -6.91 23.04 0.71
N ALA E 380 -5.73 22.78 1.29
CA ALA E 380 -5.32 23.51 2.48
C ALA E 380 -5.11 24.99 2.19
N SER E 381 -4.53 25.32 1.02
CA SER E 381 -4.34 26.73 0.69
C SER E 381 -5.68 27.46 0.56
N LEU E 382 -6.62 26.85 -0.15
CA LEU E 382 -7.95 27.43 -0.25
C LEU E 382 -8.59 27.57 1.13
N ALA E 383 -8.42 26.56 1.97
CA ALA E 383 -8.99 26.60 3.31
C ALA E 383 -8.42 27.75 4.14
N LEU E 384 -7.10 27.95 4.07
CA LEU E 384 -6.47 29.02 4.83
C LEU E 384 -6.92 30.39 4.34
N GLY E 385 -7.01 30.57 3.02
CA GLY E 385 -7.52 31.83 2.50
C GLY E 385 -8.93 32.12 2.97
N ASP E 386 -9.80 31.11 2.91
CA ASP E 386 -11.17 31.29 3.39
C ASP E 386 -11.18 31.63 4.87
N LEU E 387 -10.33 30.97 5.67
CA LEU E 387 -10.30 31.23 7.10
C LEU E 387 -9.91 32.66 7.39
N ILE E 388 -8.90 33.18 6.68
CA ILE E 388 -8.50 34.57 6.89
C ILE E 388 -9.64 35.50 6.52
N TYR E 389 -10.35 35.20 5.43
CA TYR E 389 -11.48 36.05 5.04
C TYR E 389 -12.55 36.08 6.12
N VAL E 390 -12.91 34.92 6.67
CA VAL E 390 -13.96 34.91 7.70
C VAL E 390 -13.48 35.61 8.97
N VAL E 391 -12.20 35.49 9.28
CA VAL E 391 -11.68 36.18 10.47
C VAL E 391 -11.79 37.68 10.30
N ILE E 392 -11.47 38.19 9.11
CA ILE E 392 -11.42 39.64 8.93
C ILE E 392 -12.81 40.24 8.79
N ASP E 393 -13.61 39.73 7.85
CA ASP E 393 -14.71 40.52 7.31
C ASP E 393 -15.83 40.74 8.33
N LEU E 394 -16.27 39.68 9.00
CA LEU E 394 -17.50 39.76 9.79
C LEU E 394 -17.42 40.73 10.97
N PRO E 395 -16.38 40.72 11.81
CA PRO E 395 -16.44 41.55 13.04
C PRO E 395 -16.54 43.04 12.79
N ILE E 396 -15.69 43.60 11.92
CA ILE E 396 -15.71 45.06 11.74
C ILE E 396 -16.99 45.50 11.06
N ASN E 397 -17.52 44.69 10.13
CA ASN E 397 -18.78 45.03 9.49
C ASN E 397 -19.93 44.99 10.49
N VAL E 398 -19.94 44.00 11.38
CA VAL E 398 -21.03 43.95 12.35
C VAL E 398 -20.90 45.10 13.35
N PHE E 399 -19.67 45.51 13.67
CA PHE E 399 -19.50 46.67 14.53
C PHE E 399 -20.02 47.94 13.86
N LYS E 400 -19.73 48.12 12.58
CA LYS E 400 -20.22 49.29 11.86
C LYS E 400 -21.73 49.25 11.65
N LEU E 401 -22.33 48.06 11.63
CA LEU E 401 -23.78 47.97 11.61
C LEU E 401 -24.37 48.36 12.97
N LEU E 402 -23.83 47.81 14.06
CA LEU E 402 -24.38 48.09 15.38
C LEU E 402 -24.10 49.53 15.79
N ALA E 403 -22.83 49.88 15.92
CA ALA E 403 -22.43 51.24 16.23
C ALA E 403 -22.31 52.03 14.93
N GLY E 404 -21.73 53.23 15.01
CA GLY E 404 -21.51 54.02 13.82
C GLY E 404 -20.15 54.66 13.77
N ARG E 405 -19.30 54.38 14.77
CA ARG E 405 -17.98 54.95 14.87
C ARG E 405 -16.94 53.94 14.42
N TRP E 406 -16.01 54.39 13.58
CA TRP E 406 -14.89 53.53 13.22
C TRP E 406 -14.08 53.21 14.48
N PRO E 407 -13.62 51.97 14.64
CA PRO E 407 -12.92 51.60 15.89
C PRO E 407 -11.68 52.44 16.11
N PHE E 408 -11.49 52.86 17.36
CA PHE E 408 -10.35 53.69 17.76
C PHE E 408 -10.22 54.94 16.89
N ASP E 409 -11.36 55.58 16.63
CA ASP E 409 -11.37 56.73 15.73
C ASP E 409 -10.53 57.88 16.27
N HIS E 410 -10.59 58.10 17.58
CA HIS E 410 -9.85 59.21 18.19
C HIS E 410 -8.39 58.88 18.46
N ASN E 411 -7.97 57.64 18.27
CA ASN E 411 -6.60 57.22 18.52
C ASN E 411 -5.92 56.82 17.21
N ASP E 412 -4.59 56.68 17.28
CA ASP E 412 -3.82 56.26 16.10
C ASP E 412 -4.09 54.81 15.74
N PHE E 413 -4.54 54.00 16.69
CA PHE E 413 -4.85 52.61 16.39
C PHE E 413 -5.93 52.50 15.33
N GLY E 414 -6.92 53.40 15.36
CA GLY E 414 -7.92 53.42 14.31
C GLY E 414 -7.34 53.77 12.95
N VAL E 415 -6.35 54.67 12.92
CA VAL E 415 -5.66 54.97 11.68
C VAL E 415 -4.97 53.72 11.15
N PHE E 416 -4.29 52.99 12.03
CA PHE E 416 -3.63 51.76 11.61
C PHE E 416 -4.63 50.73 11.11
N LEU E 417 -5.79 50.64 11.78
CA LEU E 417 -6.81 49.68 11.38
C LEU E 417 -7.37 50.00 10.00
N CYS E 418 -7.72 51.27 9.77
CA CYS E 418 -8.24 51.65 8.46
C CYS E 418 -7.16 51.70 7.39
N LYS E 419 -5.89 51.61 7.77
CA LYS E 419 -4.84 51.40 6.78
C LYS E 419 -4.58 49.93 6.48
N LEU E 420 -4.86 49.02 7.42
CA LEU E 420 -4.47 47.63 7.28
C LEU E 420 -5.60 46.70 6.86
N PHE E 421 -6.82 46.87 7.39
CA PHE E 421 -7.87 45.86 7.20
C PHE E 421 -8.25 45.63 5.74
N PRO E 422 -8.55 46.66 4.94
CA PRO E 422 -8.93 46.40 3.53
C PRO E 422 -7.86 45.66 2.76
N PHE E 423 -6.60 45.96 3.04
CA PHE E 423 -5.49 45.28 2.37
C PHE E 423 -5.57 43.77 2.60
N LEU E 424 -5.69 43.38 3.85
CA LEU E 424 -5.72 41.96 4.19
C LEU E 424 -6.97 41.29 3.65
N GLN E 425 -8.11 42.00 3.66
CA GLN E 425 -9.34 41.44 3.11
C GLN E 425 -9.22 41.14 1.62
N LYS E 426 -8.72 42.12 0.86
CA LYS E 426 -8.52 41.90 -0.57
C LYS E 426 -7.51 40.79 -0.83
N SER E 427 -6.49 40.68 0.01
CA SER E 427 -5.53 39.59 -0.14
C SER E 427 -6.20 38.23 0.02
N SER E 428 -7.04 38.10 1.04
CA SER E 428 -7.72 36.82 1.25
C SER E 428 -8.64 36.47 0.08
N VAL E 429 -9.36 37.46 -0.44
CA VAL E 429 -10.28 37.19 -1.55
C VAL E 429 -9.50 36.74 -2.78
N GLY E 430 -8.40 37.44 -3.10
CA GLY E 430 -7.58 37.01 -4.21
C GLY E 430 -7.07 35.59 -4.03
N ILE E 431 -6.68 35.24 -2.80
CA ILE E 431 -6.18 33.90 -2.52
C ILE E 431 -7.26 32.86 -2.84
N THR E 432 -8.47 33.06 -2.32
CA THR E 432 -9.49 32.03 -2.50
C THR E 432 -9.87 31.86 -3.97
N VAL E 433 -10.05 32.97 -4.69
CA VAL E 433 -10.43 32.87 -6.10
C VAL E 433 -9.33 32.18 -6.92
N LEU E 434 -8.07 32.59 -6.73
CA LEU E 434 -7.00 31.99 -7.50
C LEU E 434 -6.83 30.51 -7.18
N ASN E 435 -7.01 30.13 -5.92
CA ASN E 435 -6.90 28.73 -5.56
C ASN E 435 -8.02 27.91 -6.20
N LEU E 436 -9.24 28.47 -6.26
CA LEU E 436 -10.31 27.77 -6.97
C LEU E 436 -9.95 27.52 -8.42
N CYS E 437 -9.40 28.54 -9.09
CA CYS E 437 -9.01 28.37 -10.48
C CYS E 437 -7.93 27.30 -10.62
N ALA E 438 -6.94 27.30 -9.74
CA ALA E 438 -5.87 26.31 -9.81
C ALA E 438 -6.39 24.90 -9.61
N LEU E 439 -7.29 24.71 -8.64
CA LEU E 439 -7.85 23.39 -8.40
C LEU E 439 -8.62 22.89 -9.61
N SER E 440 -9.41 23.77 -10.23
CA SER E 440 -10.11 23.38 -11.45
C SER E 440 -9.14 22.99 -12.55
N VAL E 441 -8.03 23.71 -12.68
CA VAL E 441 -7.05 23.40 -13.72
C VAL E 441 -6.41 22.03 -13.46
N ASP E 442 -6.12 21.71 -12.20
CA ASP E 442 -5.43 20.46 -11.90
C ASP E 442 -6.34 19.25 -12.01
N ARG E 443 -7.64 19.40 -11.69
CA ARG E 443 -8.53 18.24 -11.77
C ARG E 443 -8.65 17.72 -13.20
N TYR E 444 -8.65 18.60 -14.20
CA TYR E 444 -8.72 18.15 -15.58
C TYR E 444 -7.50 17.34 -15.97
N ARG E 445 -6.31 17.79 -15.57
CA ARG E 445 -5.12 17.00 -15.82
C ARG E 445 -5.18 15.67 -15.08
N ALA E 446 -5.85 15.64 -13.94
CA ALA E 446 -6.05 14.38 -13.23
C ALA E 446 -6.92 13.42 -14.03
N VAL E 447 -8.00 13.91 -14.65
CA VAL E 447 -8.95 13.00 -15.28
C VAL E 447 -8.50 12.55 -16.66
N ALA E 448 -7.77 13.38 -17.40
CA ALA E 448 -7.52 13.09 -18.82
C ALA E 448 -6.05 13.04 -19.16
N SER E 449 -5.26 12.30 -18.39
CA SER E 449 -3.85 12.13 -18.70
C SER E 449 -3.44 10.70 -18.41
N TRP E 450 -2.68 10.10 -19.33
CA TRP E 450 -2.22 8.72 -19.21
C TRP E 450 -1.12 8.65 -18.15
N SER E 451 -1.54 8.66 -16.89
CA SER E 451 -0.58 8.61 -15.80
C SER E 451 -1.29 8.18 -14.53
N ARG E 452 -0.52 7.67 -13.58
CA ARG E 452 -1.01 7.37 -12.24
C ARG E 452 -0.37 8.40 -11.32
N VAL E 453 -1.10 9.48 -11.04
CA VAL E 453 -0.58 10.50 -10.13
C VAL E 453 -0.35 9.88 -8.76
N GLN E 454 0.86 10.04 -8.23
CA GLN E 454 1.29 9.34 -7.03
C GLN E 454 2.53 10.02 -6.48
N GLY E 455 3.25 9.34 -5.60
CA GLY E 455 4.43 9.93 -4.99
C GLY E 455 4.10 10.82 -3.82
N ILE E 456 3.60 10.20 -2.75
CA ILE E 456 3.25 10.88 -1.50
C ILE E 456 4.32 11.91 -1.14
N GLY E 457 3.89 13.12 -0.83
CA GLY E 457 4.80 14.24 -0.66
C GLY E 457 4.30 15.46 -1.40
N ILE E 458 5.21 16.26 -1.94
CA ILE E 458 4.84 17.49 -2.65
C ILE E 458 5.75 17.69 -3.86
N PRO E 459 5.19 17.75 -5.07
CA PRO E 459 6.01 18.09 -6.24
C PRO E 459 6.42 19.56 -6.22
N LEU E 460 7.46 19.85 -7.01
CA LEU E 460 7.98 21.21 -7.07
C LEU E 460 6.94 22.18 -7.65
N VAL E 461 6.23 21.75 -8.69
CA VAL E 461 5.29 22.63 -9.37
C VAL E 461 4.18 23.07 -8.42
N THR E 462 3.67 22.15 -7.60
CA THR E 462 2.56 22.48 -6.71
C THR E 462 2.99 23.53 -5.68
N ALA E 463 4.14 23.34 -5.05
CA ALA E 463 4.63 24.30 -4.07
C ALA E 463 4.90 25.65 -4.72
N ILE E 464 5.48 25.63 -5.92
CA ILE E 464 5.74 26.88 -6.63
C ILE E 464 4.43 27.62 -6.89
N GLU E 465 3.40 26.88 -7.35
CA GLU E 465 2.10 27.50 -7.61
C GLU E 465 1.51 28.10 -6.34
N ILE E 466 1.57 27.36 -5.23
CA ILE E 466 0.98 27.86 -3.99
C ILE E 466 1.68 29.13 -3.53
N VAL E 467 3.01 29.12 -3.51
CA VAL E 467 3.74 30.29 -3.01
C VAL E 467 3.54 31.48 -3.93
N SER E 468 3.52 31.25 -5.25
CA SER E 468 3.28 32.35 -6.18
C SER E 468 1.88 32.92 -6.01
N ILE E 469 0.88 32.05 -5.79
CA ILE E 469 -0.48 32.50 -5.57
C ILE E 469 -0.53 33.43 -4.37
N TRP E 470 0.05 32.99 -3.25
CA TRP E 470 0.00 33.82 -2.04
C TRP E 470 0.72 35.15 -2.24
N ILE E 471 1.90 35.13 -2.85
CA ILE E 471 2.68 36.35 -2.98
C ILE E 471 1.97 37.34 -3.90
N LEU E 472 1.45 36.86 -5.04
CA LEU E 472 0.74 37.74 -5.95
C LEU E 472 -0.51 38.31 -5.31
N SER E 473 -1.23 37.48 -4.54
CA SER E 473 -2.43 37.97 -3.86
C SER E 473 -2.08 39.07 -2.89
N PHE E 474 -1.00 38.91 -2.12
CA PHE E 474 -0.62 39.94 -1.17
C PHE E 474 -0.14 41.20 -1.88
N ILE E 475 0.49 41.05 -3.03
CA ILE E 475 0.98 42.25 -3.75
C ILE E 475 -0.16 42.96 -4.47
N LEU E 476 -1.29 42.30 -4.70
CA LEU E 476 -2.41 42.91 -5.40
C LEU E 476 -3.40 43.62 -4.46
N ALA E 477 -2.93 44.13 -3.33
CA ALA E 477 -3.81 44.87 -2.42
C ALA E 477 -3.19 46.12 -1.84
N ILE E 478 -1.93 46.45 -2.17
CA ILE E 478 -1.32 47.69 -1.68
C ILE E 478 -2.12 48.93 -2.06
N PRO E 479 -2.68 49.05 -3.28
CA PRO E 479 -3.50 50.23 -3.58
C PRO E 479 -4.64 50.42 -2.59
N GLU E 480 -5.26 49.34 -2.13
CA GLU E 480 -6.23 49.46 -1.05
C GLU E 480 -5.54 49.76 0.28
N ALA E 481 -4.31 49.29 0.45
CA ALA E 481 -3.60 49.50 1.70
C ALA E 481 -3.40 50.98 1.95
N ILE E 482 -2.63 51.65 1.10
CA ILE E 482 -2.40 53.10 1.26
C ILE E 482 -3.45 53.80 0.41
N GLY E 483 -4.68 53.81 0.92
CA GLY E 483 -5.71 54.61 0.29
C GLY E 483 -6.66 55.31 1.22
N PHE E 484 -6.70 54.91 2.49
CA PHE E 484 -7.77 55.31 3.41
C PHE E 484 -7.25 56.30 4.43
N VAL E 485 -7.97 57.41 4.60
CA VAL E 485 -7.64 58.44 5.56
C VAL E 485 -8.89 58.88 6.31
N MET E 486 -8.66 59.50 7.47
CA MET E 486 -9.70 60.26 8.15
C MET E 486 -10.07 61.50 7.35
N VAL E 487 -11.36 61.81 7.27
CA VAL E 487 -11.86 62.91 6.46
C VAL E 487 -12.70 63.85 7.32
N PRO E 488 -12.27 65.10 7.52
CA PRO E 488 -13.14 66.07 8.18
C PRO E 488 -14.41 66.32 7.39
N PHE E 489 -15.48 66.59 8.12
CA PHE E 489 -16.78 66.92 7.52
C PHE E 489 -17.73 67.34 8.64
N GLU E 490 -18.73 68.14 8.26
CA GLU E 490 -19.79 68.55 9.17
C GLU E 490 -21.13 68.22 8.53
N TYR E 491 -21.96 67.46 9.25
CA TYR E 491 -23.28 67.07 8.78
C TYR E 491 -24.31 67.43 9.83
N ARG E 492 -25.36 68.14 9.41
CA ARG E 492 -26.48 68.54 10.26
C ARG E 492 -26.03 69.41 11.44
N GLY E 493 -24.78 69.86 11.46
CA GLY E 493 -24.27 70.64 12.56
C GLY E 493 -23.15 69.95 13.30
N GLU E 494 -23.27 68.63 13.47
CA GLU E 494 -22.26 67.87 14.18
C GLU E 494 -21.08 67.53 13.27
N GLN E 495 -19.95 67.20 13.90
CA GLN E 495 -18.74 66.79 13.20
C GLN E 495 -18.32 65.40 13.68
N HIS E 496 -17.90 64.57 12.74
CA HIS E 496 -17.56 63.19 13.03
C HIS E 496 -16.29 62.81 12.27
N LYS E 497 -15.82 61.58 12.51
CA LYS E 497 -14.58 61.08 11.94
C LYS E 497 -14.84 59.84 11.12
N THR E 498 -14.83 59.97 9.80
CA THR E 498 -14.98 58.87 8.87
C THR E 498 -13.65 58.55 8.22
N CYS E 499 -13.48 57.32 7.78
CA CYS E 499 -12.28 56.90 7.06
C CYS E 499 -12.70 56.35 5.70
N MET E 500 -12.07 56.86 4.65
CA MET E 500 -12.46 56.52 3.29
C MET E 500 -11.27 56.67 2.35
N LEU E 501 -11.48 56.25 1.11
CA LEU E 501 -10.42 56.22 0.10
C LEU E 501 -10.29 57.60 -0.56
N ASN E 502 -9.75 58.54 0.22
CA ASN E 502 -9.39 59.84 -0.31
C ASN E 502 -8.09 59.71 -1.11
N ALA E 503 -8.07 60.34 -2.27
CA ALA E 503 -6.96 60.19 -3.21
C ALA E 503 -6.06 61.41 -3.16
N THR E 504 -4.74 61.17 -3.29
CA THR E 504 -3.76 62.23 -3.30
C THR E 504 -2.73 62.10 -4.41
N SER E 505 -2.84 61.07 -5.27
CA SER E 505 -1.88 60.86 -6.34
C SER E 505 -2.60 60.42 -7.60
N LYS E 506 -1.93 60.57 -8.74
CA LYS E 506 -2.52 60.22 -10.02
C LYS E 506 -2.84 58.73 -10.09
N PHE E 507 -1.93 57.88 -9.60
CA PHE E 507 -2.20 56.45 -9.60
C PHE E 507 -3.40 56.11 -8.72
N MET E 508 -3.47 56.70 -7.53
CA MET E 508 -4.63 56.48 -6.68
C MET E 508 -5.88 57.11 -7.27
N GLU E 509 -5.74 58.21 -8.02
CA GLU E 509 -6.89 58.79 -8.70
C GLU E 509 -7.44 57.83 -9.75
N PHE E 510 -6.55 57.17 -10.50
CA PHE E 510 -7.00 56.16 -11.46
C PHE E 510 -7.59 54.95 -10.75
N TYR E 511 -7.06 54.60 -9.58
CA TYR E 511 -7.64 53.50 -8.81
C TYR E 511 -9.06 53.82 -8.36
N GLN E 512 -9.28 55.04 -7.88
CA GLN E 512 -10.62 55.47 -7.51
C GLN E 512 -11.55 55.52 -8.72
N ASP E 513 -11.04 55.98 -9.85
CA ASP E 513 -11.89 56.16 -11.04
C ASP E 513 -12.46 54.82 -11.51
N VAL E 514 -11.63 53.78 -11.56
CA VAL E 514 -12.04 52.47 -12.04
C VAL E 514 -11.75 51.45 -10.93
N LYS E 515 -12.71 51.28 -10.02
CA LYS E 515 -12.60 50.28 -8.98
C LYS E 515 -13.73 49.27 -9.02
N ASP E 516 -14.97 49.71 -9.13
CA ASP E 516 -16.10 48.78 -9.10
C ASP E 516 -16.06 47.81 -10.27
N TRP E 517 -15.73 48.31 -11.47
CA TRP E 517 -15.62 47.43 -12.61
C TRP E 517 -14.49 46.42 -12.45
N TRP E 518 -13.37 46.83 -11.86
CA TRP E 518 -12.26 45.91 -11.67
C TRP E 518 -12.60 44.84 -10.64
N LEU E 519 -13.14 45.26 -9.49
CA LEU E 519 -13.53 44.30 -8.46
C LEU E 519 -14.65 43.39 -8.93
N PHE E 520 -15.44 43.84 -9.90
CA PHE E 520 -16.44 42.97 -10.53
C PHE E 520 -15.77 41.98 -11.48
N GLY E 521 -15.04 42.50 -12.46
CA GLY E 521 -14.45 41.68 -13.50
C GLY E 521 -13.47 40.65 -13.00
N PHE E 522 -12.38 41.09 -12.36
CA PHE E 522 -11.32 40.15 -12.04
C PHE E 522 -11.76 39.12 -11.01
N TYR E 523 -12.80 39.39 -10.23
CA TYR E 523 -13.27 38.44 -9.22
C TYR E 523 -14.56 37.72 -9.60
N PHE E 524 -15.19 38.04 -10.73
CA PHE E 524 -16.37 37.33 -11.20
C PHE E 524 -16.19 36.70 -12.56
N CYS E 525 -15.71 37.46 -13.54
CA CYS E 525 -15.72 37.01 -14.93
C CYS E 525 -14.68 35.94 -15.18
N MET E 526 -13.41 36.20 -14.84
CA MET E 526 -12.37 35.22 -15.14
C MET E 526 -12.58 33.91 -14.39
N PRO E 527 -12.94 33.90 -13.09
CA PRO E 527 -13.16 32.60 -12.43
C PRO E 527 -14.27 31.79 -13.04
N LEU E 528 -15.38 32.43 -13.42
CA LEU E 528 -16.46 31.68 -14.03
C LEU E 528 -16.03 31.09 -15.37
N VAL E 529 -15.31 31.87 -16.17
CA VAL E 529 -14.85 31.39 -17.46
C VAL E 529 -13.92 30.20 -17.28
N CYS E 530 -12.95 30.30 -16.37
CA CYS E 530 -11.99 29.22 -16.16
C CYS E 530 -12.66 27.96 -15.63
N THR E 531 -13.42 28.10 -14.53
CA THR E 531 -14.04 26.93 -13.92
C THR E 531 -15.22 26.40 -14.70
N ALA E 532 -15.66 27.10 -15.74
CA ALA E 532 -16.65 26.51 -16.64
C ALA E 532 -15.99 25.83 -17.83
N ILE E 533 -15.00 26.47 -18.44
CA ILE E 533 -14.34 25.88 -19.60
C ILE E 533 -13.63 24.60 -19.22
N PHE E 534 -12.83 24.64 -18.14
CA PHE E 534 -12.08 23.45 -17.75
C PHE E 534 -13.01 22.34 -17.28
N TYR E 535 -14.10 22.70 -16.60
CA TYR E 535 -15.00 21.67 -16.11
C TYR E 535 -15.87 21.05 -17.21
N THR E 536 -16.28 21.83 -18.21
CA THR E 536 -16.95 21.21 -19.35
C THR E 536 -15.99 20.35 -20.16
N LEU E 537 -14.72 20.77 -20.27
CA LEU E 537 -13.73 19.93 -20.94
C LEU E 537 -13.54 18.61 -20.20
N MET E 538 -13.51 18.68 -18.86
CA MET E 538 -13.42 17.44 -18.09
C MET E 538 -14.65 16.57 -18.26
N THR E 539 -15.84 17.18 -18.22
CA THR E 539 -17.07 16.41 -18.32
C THR E 539 -17.22 15.73 -19.66
N CYS E 540 -16.71 16.35 -20.73
CA CYS E 540 -16.78 15.72 -22.05
C CYS E 540 -16.12 14.35 -22.04
N GLU E 541 -14.91 14.25 -21.48
CA GLU E 541 -14.22 12.97 -21.41
C GLU E 541 -14.79 12.05 -20.34
N MET E 542 -15.12 12.61 -19.18
CA MET E 542 -15.57 11.79 -18.05
C MET E 542 -16.91 11.13 -18.32
N LEU E 543 -17.91 11.93 -18.73
CA LEU E 543 -19.25 11.38 -18.92
C LEU E 543 -19.36 10.57 -20.21
N ASN E 544 -18.70 11.02 -21.26
CA ASN E 544 -18.70 10.28 -22.51
C ASN E 544 -17.38 9.51 -22.69
N ALA E 553 -19.61 -3.08 -16.21
CA ALA E 553 -18.45 -2.31 -16.65
C ALA E 553 -18.81 -0.83 -16.84
N LEU E 554 -19.25 -0.49 -18.05
CA LEU E 554 -19.64 0.89 -18.34
C LEU E 554 -20.89 1.29 -17.56
N SER E 555 -21.85 0.37 -17.44
CA SER E 555 -23.11 0.68 -16.78
C SER E 555 -22.90 1.03 -15.31
N GLU E 556 -22.04 0.27 -14.62
CA GLU E 556 -21.81 0.50 -13.20
C GLU E 556 -20.99 1.75 -12.93
N HIS E 557 -20.34 2.33 -13.95
CA HIS E 557 -19.55 3.53 -13.78
C HIS E 557 -20.23 4.79 -14.30
N LEU E 558 -21.24 4.64 -15.16
CA LEU E 558 -21.94 5.80 -15.69
C LEU E 558 -22.63 6.57 -14.57
N LYS E 559 -23.15 5.87 -13.57
CA LYS E 559 -23.79 6.55 -12.45
C LYS E 559 -22.79 7.41 -11.69
N GLN E 560 -21.59 6.87 -11.41
CA GLN E 560 -20.59 7.65 -10.71
C GLN E 560 -20.14 8.86 -11.51
N ARG E 561 -19.95 8.67 -12.82
CA ARG E 561 -19.55 9.80 -13.66
C ARG E 561 -20.61 10.89 -13.69
N ARG E 562 -21.89 10.49 -13.78
CA ARG E 562 -22.96 11.47 -13.72
C ARG E 562 -22.98 12.20 -12.38
N GLU E 563 -22.79 11.47 -11.29
CA GLU E 563 -22.82 12.09 -9.97
C GLU E 563 -21.73 13.13 -9.83
N VAL E 564 -20.51 12.79 -10.23
CA VAL E 564 -19.41 13.74 -10.09
C VAL E 564 -19.62 14.94 -11.01
N ALA E 565 -20.15 14.71 -12.22
CA ALA E 565 -20.40 15.82 -13.12
C ALA E 565 -21.39 16.81 -12.51
N LYS E 566 -22.49 16.30 -11.97
CA LYS E 566 -23.48 17.17 -11.35
C LYS E 566 -22.90 17.92 -10.15
N THR E 567 -22.12 17.21 -9.31
CA THR E 567 -21.55 17.88 -8.14
C THR E 567 -20.61 19.00 -8.54
N VAL E 568 -19.75 18.77 -9.53
CA VAL E 568 -18.80 19.82 -9.91
C VAL E 568 -19.50 20.97 -10.60
N PHE E 569 -20.59 20.72 -11.34
CA PHE E 569 -21.28 21.84 -11.96
C PHE E 569 -22.19 22.59 -10.99
N CYS E 570 -22.53 22.02 -9.84
CA CYS E 570 -23.31 22.78 -8.87
C CYS E 570 -22.50 23.93 -8.26
N LEU E 571 -21.18 23.75 -8.13
CA LEU E 571 -20.35 24.73 -7.43
C LEU E 571 -20.31 26.07 -8.17
N VAL E 572 -20.22 26.04 -9.50
CA VAL E 572 -20.15 27.28 -10.26
C VAL E 572 -21.43 28.10 -10.08
N VAL E 573 -22.58 27.44 -10.17
CA VAL E 573 -23.86 28.12 -9.99
C VAL E 573 -23.98 28.69 -8.58
N ILE E 574 -23.60 27.90 -7.58
CA ILE E 574 -23.63 28.38 -6.21
C ILE E 574 -22.77 29.62 -6.05
N PHE E 575 -21.54 29.58 -6.57
CA PHE E 575 -20.62 30.70 -6.44
C PHE E 575 -21.18 31.95 -7.09
N ALA E 576 -21.68 31.83 -8.32
CA ALA E 576 -22.18 32.99 -9.04
C ALA E 576 -23.37 33.61 -8.34
N LEU E 577 -24.35 32.78 -7.95
CA LEU E 577 -25.55 33.31 -7.32
C LEU E 577 -25.25 33.89 -5.94
N CYS E 578 -24.22 33.38 -5.25
CA CYS E 578 -23.92 33.92 -3.93
C CYS E 578 -23.05 35.17 -3.97
N TRP E 579 -22.28 35.37 -5.04
CA TRP E 579 -21.42 36.55 -5.11
C TRP E 579 -21.99 37.70 -5.94
N PHE E 580 -23.04 37.46 -6.73
CA PHE E 580 -23.56 38.52 -7.60
C PHE E 580 -24.06 39.77 -6.87
N PRO E 581 -24.88 39.67 -5.81
CA PRO E 581 -25.57 40.87 -5.32
C PRO E 581 -24.67 42.01 -4.87
N LEU E 582 -23.50 41.71 -4.29
CA LEU E 582 -22.64 42.78 -3.82
C LEU E 582 -22.11 43.62 -4.97
N HIS E 583 -21.62 42.95 -6.02
CA HIS E 583 -21.19 43.68 -7.21
C HIS E 583 -22.35 44.41 -7.87
N LEU E 584 -23.55 43.80 -7.83
CA LEU E 584 -24.71 44.46 -8.40
C LEU E 584 -25.01 45.77 -7.67
N SER E 585 -24.98 45.74 -6.34
CA SER E 585 -25.22 46.94 -5.56
C SER E 585 -24.15 48.01 -5.83
N ARG E 586 -22.88 47.59 -5.88
CA ARG E 586 -21.82 48.56 -6.13
C ARG E 586 -21.97 49.20 -7.50
N ILE E 587 -22.27 48.41 -8.54
CA ILE E 587 -22.37 49.00 -9.88
C ILE E 587 -23.60 49.89 -9.99
N LEU E 588 -24.70 49.49 -9.34
CA LEU E 588 -25.89 50.34 -9.34
C LEU E 588 -25.60 51.68 -8.67
N LYS E 589 -24.90 51.66 -7.54
CA LYS E 589 -24.56 52.91 -6.87
C LYS E 589 -23.63 53.76 -7.71
N LYS E 590 -22.66 53.13 -8.37
CA LYS E 590 -21.69 53.89 -9.16
C LYS E 590 -22.33 54.51 -10.40
N THR E 591 -23.30 53.82 -11.01
CA THR E 591 -23.86 54.27 -12.28
C THR E 591 -25.14 55.09 -12.11
N VAL E 592 -26.17 54.52 -11.49
CA VAL E 592 -27.50 55.13 -11.50
C VAL E 592 -27.57 56.39 -10.64
N TYR E 593 -26.90 56.40 -9.49
CA TYR E 593 -27.06 57.48 -8.52
C TYR E 593 -26.66 58.82 -9.12
N ASN E 594 -27.51 59.83 -8.93
CA ASN E 594 -27.31 61.16 -9.47
C ASN E 594 -27.21 62.16 -8.33
N GLU E 595 -26.27 63.11 -8.46
CA GLU E 595 -26.07 64.11 -7.42
C GLU E 595 -27.14 65.19 -7.42
N MET E 596 -27.65 65.56 -8.60
CA MET E 596 -28.62 66.65 -8.68
C MET E 596 -30.01 66.24 -8.25
N ASP E 597 -30.29 64.95 -8.16
CA ASP E 597 -31.63 64.50 -7.81
C ASP E 597 -31.97 64.86 -6.37
N LYS E 598 -33.26 65.05 -6.10
CA LYS E 598 -33.75 65.38 -4.77
C LYS E 598 -34.23 64.16 -4.00
N ASN E 599 -34.92 63.24 -4.65
CA ASN E 599 -35.38 62.01 -4.02
C ASN E 599 -34.29 60.94 -3.95
N ARG E 600 -33.07 61.30 -4.37
CA ARG E 600 -31.98 60.33 -4.43
C ARG E 600 -31.75 59.64 -3.08
N CYS E 601 -32.07 60.34 -1.99
CA CYS E 601 -31.92 59.76 -0.65
C CYS E 601 -32.64 58.42 -0.57
N GLU E 602 -33.88 58.38 -1.07
CA GLU E 602 -34.63 57.12 -1.09
C GLU E 602 -33.84 56.05 -1.82
N LEU E 603 -33.31 56.38 -2.99
CA LEU E 603 -32.46 55.44 -3.72
C LEU E 603 -31.28 55.01 -2.85
N LEU E 604 -30.62 55.98 -2.20
CA LEU E 604 -29.52 55.63 -1.32
C LEU E 604 -29.97 54.63 -0.26
N SER E 605 -31.18 54.82 0.27
CA SER E 605 -31.71 53.83 1.22
C SER E 605 -31.70 52.45 0.60
N PHE E 606 -32.29 52.33 -0.60
CA PHE E 606 -32.33 51.03 -1.27
C PHE E 606 -30.94 50.51 -1.58
N LEU E 607 -29.94 51.40 -1.69
CA LEU E 607 -28.60 50.95 -2.00
C LEU E 607 -27.82 50.55 -0.76
N LEU E 608 -28.36 50.77 0.43
CA LEU E 608 -27.63 50.44 1.65
C LEU E 608 -27.88 48.99 2.07
N LEU E 609 -29.15 48.64 2.30
CA LEU E 609 -29.47 47.34 2.87
C LEU E 609 -28.90 46.20 2.02
N MET E 610 -29.14 46.26 0.71
CA MET E 610 -28.65 45.23 -0.19
C MET E 610 -27.16 44.99 0.00
N ASP E 611 -26.38 46.08 0.18
CA ASP E 611 -24.94 45.94 0.37
C ASP E 611 -24.64 44.96 1.50
N TYR E 612 -25.28 45.17 2.66
CA TYR E 612 -25.03 44.27 3.79
C TYR E 612 -25.33 42.83 3.40
N ILE E 613 -26.45 42.62 2.72
CA ILE E 613 -26.83 41.26 2.34
C ILE E 613 -25.69 40.61 1.57
N GLY E 614 -25.07 41.35 0.66
CA GLY E 614 -24.00 40.78 -0.13
C GLY E 614 -22.91 40.18 0.73
N ILE E 615 -22.50 40.91 1.77
CA ILE E 615 -21.43 40.42 2.61
C ILE E 615 -21.83 39.11 3.27
N ASN E 616 -23.08 39.03 3.75
CA ASN E 616 -23.56 37.77 4.29
C ASN E 616 -23.39 36.65 3.27
N LEU E 617 -23.89 36.88 2.06
CA LEU E 617 -23.82 35.86 1.03
C LEU E 617 -22.37 35.52 0.70
N ALA E 618 -21.45 36.48 0.91
CA ALA E 618 -20.05 36.21 0.63
C ALA E 618 -19.54 35.07 1.50
N THR E 619 -19.90 35.07 2.78
CA THR E 619 -19.40 34.01 3.64
C THR E 619 -20.01 32.67 3.25
N MET E 620 -21.05 32.68 2.41
CA MET E 620 -21.61 31.43 1.89
C MET E 620 -20.56 30.65 1.09
N ASN E 621 -19.59 31.35 0.49
CA ASN E 621 -18.55 30.62 -0.21
C ASN E 621 -17.42 30.16 0.70
N SER E 622 -17.43 30.55 1.97
CA SER E 622 -16.47 30.07 2.95
C SER E 622 -17.02 28.95 3.82
N CYS E 623 -18.21 28.43 3.49
CA CYS E 623 -18.78 27.30 4.20
C CYS E 623 -19.18 26.14 3.29
N ILE E 624 -19.36 26.36 2.00
CA ILE E 624 -19.94 25.35 1.11
C ILE E 624 -18.87 24.39 0.58
N ASN E 625 -17.69 24.90 0.23
CA ASN E 625 -16.64 24.01 -0.25
C ASN E 625 -16.25 22.95 0.77
N PRO E 626 -16.04 23.26 2.05
CA PRO E 626 -15.84 22.17 3.02
C PRO E 626 -17.06 21.28 3.18
N ILE E 627 -18.27 21.82 3.02
CA ILE E 627 -19.49 21.02 3.17
C ILE E 627 -19.58 19.97 2.08
N ALA E 628 -19.11 20.30 0.87
CA ALA E 628 -19.25 19.39 -0.27
C ALA E 628 -18.53 18.07 -0.01
N LEU E 629 -17.33 18.13 0.56
CA LEU E 629 -16.51 16.93 0.68
C LEU E 629 -17.14 15.87 1.58
N TYR E 630 -17.95 16.27 2.56
CA TYR E 630 -18.61 15.28 3.40
C TYR E 630 -19.67 14.50 2.62
N PHE E 631 -20.27 15.11 1.60
CA PHE E 631 -21.29 14.48 0.79
C PHE E 631 -20.76 13.95 -0.53
N VAL E 632 -19.43 13.91 -0.71
CA VAL E 632 -18.88 13.60 -2.02
C VAL E 632 -17.98 12.37 -1.96
N SER E 633 -16.97 12.40 -1.09
CA SER E 633 -15.93 11.38 -1.15
C SER E 633 -16.31 10.07 -0.48
N LYS E 634 -16.98 10.14 0.67
CA LYS E 634 -17.30 9.03 1.56
C LYS E 634 -16.04 8.48 2.23
N LYS E 635 -14.86 8.97 1.87
CA LYS E 635 -13.62 8.72 2.60
C LYS E 635 -13.31 9.84 3.58
N PHE E 636 -13.59 11.08 3.19
CA PHE E 636 -13.56 12.20 4.13
C PHE E 636 -14.65 12.07 5.18
N LYS E 637 -15.66 11.23 4.97
CA LYS E 637 -16.70 11.05 5.97
C LYS E 637 -16.14 10.47 7.25
N ASN E 638 -15.35 9.41 7.14
CA ASN E 638 -14.73 8.80 8.32
C ASN E 638 -13.76 9.78 8.98
N CYS E 639 -13.00 10.53 8.18
CA CYS E 639 -12.06 11.50 8.73
C CYS E 639 -12.80 12.59 9.51
N PHE E 640 -13.91 13.08 8.96
CA PHE E 640 -14.71 14.08 9.67
C PHE E 640 -15.29 13.49 10.96
N GLN E 641 -15.74 12.23 10.90
CA GLN E 641 -16.28 11.59 12.10
C GLN E 641 -15.20 11.44 13.17
N SER E 642 -13.99 11.08 12.78
CA SER E 642 -12.90 10.93 13.73
C SER E 642 -12.36 12.29 14.17
N CYS F 1 -15.95 52.61 0.46
CA CYS F 1 -16.81 53.69 -0.01
C CYS F 1 -15.99 54.92 -0.34
N SER F 2 -16.20 55.48 -1.54
CA SER F 2 -15.45 56.66 -1.97
C SER F 2 -16.20 57.34 -3.11
N CYS F 3 -16.60 58.59 -2.90
CA CYS F 3 -17.06 59.46 -3.97
C CYS F 3 -16.21 60.73 -3.98
N SER F 4 -15.84 61.17 -5.18
CA SER F 4 -14.86 62.23 -5.34
C SER F 4 -15.35 63.59 -4.91
N SER F 5 -16.57 63.71 -4.38
CA SER F 5 -17.12 64.97 -3.92
C SER F 5 -17.20 64.96 -2.40
N LEU F 6 -16.65 66.00 -1.78
CA LEU F 6 -16.79 66.20 -0.35
C LEU F 6 -17.88 67.21 0.02
N MET F 7 -18.32 68.02 -0.95
CA MET F 7 -19.41 68.94 -0.70
C MET F 7 -20.77 68.23 -0.69
N ASP F 8 -20.91 67.15 -1.44
CA ASP F 8 -22.14 66.35 -1.47
C ASP F 8 -22.21 65.56 -0.16
N LYS F 9 -22.66 66.23 0.89
CA LYS F 9 -22.63 65.64 2.23
C LYS F 9 -23.50 64.40 2.34
N GLU F 10 -24.50 64.24 1.47
CA GLU F 10 -25.30 63.02 1.48
C GLU F 10 -24.44 61.81 1.14
N CYS F 11 -23.58 61.94 0.12
CA CYS F 11 -22.70 60.83 -0.23
C CYS F 11 -21.71 60.55 0.89
N VAL F 12 -21.20 61.61 1.54
CA VAL F 12 -20.29 61.41 2.66
C VAL F 12 -20.97 60.65 3.78
N TYR F 13 -22.21 61.03 4.10
CA TYR F 13 -22.94 60.34 5.15
C TYR F 13 -23.16 58.87 4.76
N PHE F 14 -23.51 58.61 3.50
CA PHE F 14 -23.63 57.23 3.06
C PHE F 14 -22.32 56.48 3.26
N CYS F 15 -21.20 57.13 2.92
CA CYS F 15 -19.88 56.55 3.12
C CYS F 15 -19.60 56.29 4.59
N HIS F 16 -20.27 57.01 5.49
CA HIS F 16 -19.98 56.90 6.92
C HIS F 16 -20.52 55.59 7.50
N LEU F 17 -21.74 55.20 7.13
CA LEU F 17 -22.30 53.98 7.70
C LEU F 17 -22.51 52.90 6.64
N ASP F 18 -21.55 52.75 5.75
CA ASP F 18 -21.55 51.70 4.74
C ASP F 18 -20.39 50.78 5.05
N ILE F 19 -20.50 49.53 4.59
CA ILE F 19 -19.46 48.55 4.88
C ILE F 19 -18.14 48.97 4.24
N ILE F 20 -17.06 48.40 4.75
CA ILE F 20 -15.72 48.65 4.22
C ILE F 20 -15.52 47.77 3.00
N TRP F 21 -15.54 48.38 1.82
CA TRP F 21 -15.27 47.67 0.58
C TRP F 21 -14.78 48.63 -0.50
#